data_4AC8
#
_entry.id   4AC8
#
_cell.length_a   109.990
_cell.length_b   210.850
_cell.length_c   139.960
_cell.angle_alpha   90.00
_cell.angle_beta   90.00
_cell.angle_gamma   90.00
#
_symmetry.space_group_name_H-M   'C 2 2 21'
#
loop_
_entity.id
_entity.type
_entity.pdbx_description
1 polymer 'R2-LIKE LIGAND BINDING OXIDASE'
2 non-polymer 'FE (III) ION'
3 non-polymer 'MANGANESE (II) ION'
4 non-polymer 'MYRISTIC ACID'
5 non-polymer 'CALCIUM ION'
6 non-polymer GLYCEROL
7 water water
#
_entity_poly.entity_id   1
_entity_poly.type   'polypeptide(L)'
_entity_poly.pdbx_seq_one_letter_code
;MAHHHHHHGMTRTRSGSLAAGGLNWASLPLKLFAGGNAKFWHPADIDFTRDRADWEKLSDDERDYATRLCTQFIAGEEAV
TEDIQPFMSAMRAEGRLADEMYLTQFAFEEAKHTQVFRMWLDAVGISEDLHRYLDDLPAYRQIFYAELPECLNALSADPS
PAAQVRASVTYNHIVEGMLALTGYYAWHKICVERAILPGMQELVRRIGDDERRHMAWGTFTCRRHVAADDANWTVFETRM
NELIPLALRLIEEGFALYGDQPPFDLSKDDFLQYSTDKGMRRFGTISNARGRPVAEIDVDYSPAQLEDTFADEDRRTLAA
ASA
;
_entity_poly.pdbx_strand_id   A,B,C,D
#
loop_
_chem_comp.id
_chem_comp.type
_chem_comp.name
_chem_comp.formula
CA non-polymer 'CALCIUM ION' 'Ca 2'
FE non-polymer 'FE (III) ION' 'Fe 3'
GOL non-polymer GLYCEROL 'C3 H8 O3'
MN non-polymer 'MANGANESE (II) ION' 'Mn 2'
MYR non-polymer 'MYRISTIC ACID' 'C14 H28 O2'
#
# COMPACT_ATOMS: atom_id res chain seq x y z
N THR A 11 3.88 6.00 35.79
CA THR A 11 5.32 5.97 36.22
C THR A 11 6.05 7.30 35.97
N ARG A 12 5.50 8.14 35.09
CA ARG A 12 5.89 9.55 34.97
C ARG A 12 4.86 10.45 35.69
N THR A 13 5.34 11.50 36.34
CA THR A 13 4.45 12.39 37.12
C THR A 13 4.36 13.83 36.58
N ARG A 14 5.44 14.36 36.02
CA ARG A 14 5.44 15.72 35.50
C ARG A 14 6.10 15.84 34.12
N SER A 15 6.05 17.03 33.54
CA SER A 15 6.63 17.30 32.23
C SER A 15 7.42 18.60 32.31
N GLY A 16 8.74 18.46 32.43
CA GLY A 16 9.65 19.58 32.66
C GLY A 16 9.59 20.71 31.65
N SER A 17 9.08 20.41 30.45
CA SER A 17 8.95 21.42 29.41
C SER A 17 7.71 22.30 29.61
N LEU A 18 6.93 21.98 30.65
CA LEU A 18 5.76 22.78 31.05
C LEU A 18 6.04 23.68 32.26
N ALA A 19 7.28 23.70 32.72
CA ALA A 19 7.63 24.40 33.97
C ALA A 19 7.57 25.93 33.87
N ALA A 20 7.42 26.57 35.03
CA ALA A 20 7.47 28.03 35.13
C ALA A 20 8.75 28.59 34.50
N GLY A 21 8.58 29.47 33.51
CA GLY A 21 9.70 30.04 32.77
C GLY A 21 10.30 29.08 31.76
N GLY A 22 9.72 27.90 31.64
CA GLY A 22 10.15 26.89 30.66
C GLY A 22 11.59 26.46 30.78
N LEU A 23 12.20 26.18 29.63
CA LEU A 23 13.61 25.77 29.56
C LEU A 23 14.51 26.99 29.62
N ASN A 24 15.71 26.80 30.19
CA ASN A 24 16.66 27.89 30.31
C ASN A 24 17.65 27.86 29.17
N TRP A 25 17.42 28.73 28.18
CA TRP A 25 18.25 28.79 26.97
C TRP A 25 19.70 29.10 27.20
N ALA A 26 20.00 29.68 28.36
CA ALA A 26 21.33 30.14 28.71
C ALA A 26 22.17 29.07 29.42
N SER A 27 21.56 27.95 29.78
CA SER A 27 22.29 26.89 30.41
C SER A 27 23.17 26.18 29.38
N LEU A 28 24.28 25.64 29.87
CA LEU A 28 25.33 25.06 29.05
C LEU A 28 24.85 23.99 28.05
N PRO A 29 24.07 22.98 28.52
CA PRO A 29 23.71 21.92 27.58
C PRO A 29 22.86 22.43 26.43
N LEU A 30 22.00 23.41 26.68
CA LEU A 30 21.13 23.99 25.64
C LEU A 30 21.91 24.90 24.68
N LYS A 31 22.86 25.66 25.21
CA LYS A 31 23.81 26.39 24.37
C LYS A 31 24.52 25.41 23.42
N LEU A 32 25.12 24.38 24.00
CA LEU A 32 25.73 23.27 23.26
C LEU A 32 24.79 22.67 22.22
N PHE A 33 23.52 22.46 22.60
CA PHE A 33 22.48 21.89 21.75
C PHE A 33 22.26 22.80 20.54
N ALA A 34 21.95 24.07 20.82
CA ALA A 34 21.90 25.09 19.77
C ALA A 34 23.17 25.04 18.93
N GLY A 35 24.32 24.89 19.58
CA GLY A 35 25.60 24.75 18.89
C GLY A 35 25.63 23.65 17.83
N GLY A 36 25.24 22.44 18.23
CA GLY A 36 25.17 21.29 17.32
C GLY A 36 24.12 21.42 16.22
N ASN A 37 22.98 22.03 16.54
CA ASN A 37 21.99 22.36 15.52
C ASN A 37 22.56 23.33 14.45
N ALA A 38 23.36 24.30 14.89
CA ALA A 38 23.93 25.30 13.98
C ALA A 38 25.03 24.69 13.10
N LYS A 39 25.90 23.90 13.71
CA LYS A 39 27.05 23.34 13.02
C LYS A 39 26.82 21.95 12.42
N PHE A 40 25.56 21.56 12.26
CA PHE A 40 25.20 20.28 11.66
C PHE A 40 25.82 20.08 10.28
N TRP A 41 26.46 18.93 10.07
CA TRP A 41 27.08 18.59 8.78
C TRP A 41 26.58 17.29 8.21
N HIS A 42 26.66 17.16 6.89
CA HIS A 42 26.08 16.01 6.17
C HIS A 42 27.15 15.05 5.75
N PRO A 43 27.11 13.81 6.28
CA PRO A 43 28.07 12.79 5.81
C PRO A 43 28.08 12.59 4.28
N ALA A 44 26.94 12.81 3.63
CA ALA A 44 26.81 12.70 2.17
C ALA A 44 27.67 13.73 1.40
N ASP A 45 28.01 14.85 2.04
CA ASP A 45 28.81 15.92 1.43
C ASP A 45 30.28 15.56 1.26
N ILE A 46 30.78 14.66 2.08
CA ILE A 46 32.21 14.33 2.08
C ILE A 46 32.60 13.64 0.77
N ASP A 47 33.59 14.22 0.08
CA ASP A 47 34.12 13.64 -1.14
C ASP A 47 35.06 12.48 -0.81
N PHE A 48 34.60 11.26 -1.01
CA PHE A 48 35.40 10.06 -0.75
C PHE A 48 35.95 9.44 -2.04
N THR A 49 35.64 10.06 -3.17
CA THR A 49 35.95 9.53 -4.50
C THR A 49 37.45 9.45 -4.79
N ARG A 50 38.21 10.36 -4.19
CA ARG A 50 39.63 10.48 -4.47
C ARG A 50 40.51 9.72 -3.47
N ASP A 51 39.89 9.13 -2.44
CA ASP A 51 40.62 8.44 -1.36
C ASP A 51 41.18 7.06 -1.73
N ARG A 52 40.44 6.28 -2.52
CA ARG A 52 40.90 4.93 -2.87
C ARG A 52 42.20 4.95 -3.68
N ALA A 53 42.37 5.97 -4.52
CA ALA A 53 43.60 6.13 -5.28
C ALA A 53 44.81 6.15 -4.33
N ASP A 54 44.82 7.12 -3.42
CA ASP A 54 45.84 7.24 -2.39
C ASP A 54 46.10 5.89 -1.71
N TRP A 55 45.02 5.20 -1.36
CA TRP A 55 45.06 3.96 -0.59
C TRP A 55 45.93 2.90 -1.18
N GLU A 56 45.78 2.65 -2.48
CA GLU A 56 46.56 1.61 -3.15
C GLU A 56 48.00 2.03 -3.44
N LYS A 57 48.25 3.34 -3.41
CA LYS A 57 49.59 3.92 -3.60
C LYS A 57 50.46 3.80 -2.35
N LEU A 58 49.87 3.29 -1.27
CA LEU A 58 50.54 3.07 0.01
C LEU A 58 51.12 1.65 0.08
N SER A 59 52.03 1.43 1.04
CA SER A 59 52.64 0.13 1.24
C SER A 59 51.69 -0.79 1.98
N ASP A 60 52.02 -2.08 2.01
CA ASP A 60 51.29 -3.06 2.79
C ASP A 60 51.22 -2.69 4.27
N ASP A 61 52.35 -2.25 4.83
CA ASP A 61 52.42 -1.79 6.21
C ASP A 61 51.56 -0.56 6.45
N GLU A 62 51.76 0.46 5.61
CA GLU A 62 51.02 1.72 5.74
C GLU A 62 49.51 1.47 5.82
N ARG A 63 49.04 0.50 5.04
CA ARG A 63 47.64 0.15 5.02
C ARG A 63 47.24 -0.57 6.30
N ASP A 64 48.03 -1.57 6.69
CA ASP A 64 47.84 -2.29 7.95
C ASP A 64 47.68 -1.32 9.14
N TYR A 65 48.56 -0.33 9.27
CA TYR A 65 48.44 0.68 10.35
C TYR A 65 47.17 1.52 10.22
N ALA A 66 46.94 2.05 9.03
CA ALA A 66 45.76 2.87 8.77
C ALA A 66 44.47 2.10 9.02
N THR A 67 44.47 0.80 8.70
CA THR A 67 43.29 -0.05 8.92
C THR A 67 43.04 -0.25 10.42
N ARG A 68 44.11 -0.57 11.16
CA ARG A 68 44.06 -0.80 12.60
C ARG A 68 43.49 0.41 13.32
N LEU A 69 43.94 1.60 12.91
CA LEU A 69 43.58 2.83 13.57
C LEU A 69 42.14 3.17 13.27
N CYS A 70 41.71 2.91 12.04
CA CYS A 70 40.30 3.13 11.67
C CYS A 70 39.38 2.13 12.39
N THR A 71 39.87 0.91 12.53
CA THR A 71 39.13 -0.16 13.19
C THR A 71 38.83 0.25 14.64
N GLN A 72 39.83 0.80 15.31
CA GLN A 72 39.67 1.27 16.68
C GLN A 72 38.67 2.42 16.75
N PHE A 73 38.78 3.34 15.79
CA PHE A 73 37.91 4.50 15.76
C PHE A 73 36.45 4.11 15.62
N ILE A 74 36.16 3.21 14.70
CA ILE A 74 34.77 2.88 14.37
C ILE A 74 34.14 2.09 15.52
N ALA A 75 34.88 1.13 16.06
CA ALA A 75 34.41 0.36 17.19
C ALA A 75 34.30 1.23 18.46
N GLY A 76 35.09 2.30 18.50
CA GLY A 76 34.99 3.28 19.56
C GLY A 76 33.77 4.17 19.42
N GLU A 77 33.52 4.65 18.21
CA GLU A 77 32.37 5.50 17.95
C GLU A 77 31.08 4.71 18.17
N GLU A 78 31.08 3.45 17.76
CA GLU A 78 29.93 2.53 17.95
C GLU A 78 29.64 2.25 19.41
N ALA A 79 30.72 2.12 20.20
CA ALA A 79 30.63 1.84 21.63
C ALA A 79 30.01 3.02 22.38
N VAL A 80 30.44 4.24 22.06
CA VAL A 80 29.94 5.44 22.74
C VAL A 80 28.51 5.80 22.33
N THR A 81 28.09 5.41 21.14
CA THR A 81 26.69 5.56 20.76
C THR A 81 25.86 4.74 21.70
N GLU A 82 26.34 3.51 21.97
CA GLU A 82 25.68 2.57 22.90
C GLU A 82 25.84 2.98 24.35
N ASP A 83 27.01 3.49 24.71
CA ASP A 83 27.33 3.69 26.11
C ASP A 83 26.96 5.06 26.68
N ILE A 84 26.62 6.00 25.81
CA ILE A 84 26.09 7.28 26.29
C ILE A 84 24.65 7.14 26.87
N GLN A 85 23.83 6.25 26.29
CA GLN A 85 22.40 6.05 26.71
C GLN A 85 22.08 6.13 28.21
N PRO A 86 22.87 5.45 29.06
CA PRO A 86 22.52 5.46 30.49
C PRO A 86 22.62 6.83 31.17
N PHE A 87 23.45 7.71 30.63
CA PHE A 87 23.60 9.06 31.19
C PHE A 87 22.29 9.84 31.06
N MET A 88 21.59 9.64 29.95
CA MET A 88 20.24 10.16 29.75
C MET A 88 19.35 9.76 30.89
N SER A 89 19.36 8.46 31.20
CA SER A 89 18.59 7.93 32.32
C SER A 89 18.97 8.60 33.63
N ALA A 90 20.25 8.93 33.79
CA ALA A 90 20.71 9.63 34.98
C ALA A 90 20.12 11.05 35.05
N MET A 91 20.09 11.73 33.91
CA MET A 91 19.50 13.08 33.84
C MET A 91 18.00 13.07 34.10
N ARG A 92 17.31 12.00 33.68
CA ARG A 92 15.89 11.80 33.97
C ARG A 92 15.68 11.86 35.49
N ALA A 93 16.45 11.04 36.20
CA ALA A 93 16.37 10.89 37.65
C ALA A 93 16.75 12.16 38.41
N GLU A 94 17.52 13.03 37.78
CA GLU A 94 17.97 14.27 38.41
C GLU A 94 16.99 15.40 38.07
N GLY A 95 16.04 15.11 37.17
CA GLY A 95 15.06 16.08 36.68
C GLY A 95 15.67 17.13 35.76
N ARG A 96 16.68 16.73 34.98
CA ARG A 96 17.40 17.69 34.16
C ARG A 96 17.15 17.51 32.67
N LEU A 97 15.99 17.98 32.21
CA LEU A 97 15.60 17.90 30.81
C LEU A 97 16.61 18.50 29.85
N ALA A 98 17.16 19.67 30.18
CA ALA A 98 18.07 20.37 29.25
C ALA A 98 19.27 19.49 28.89
N ASP A 99 19.85 18.82 29.89
CA ASP A 99 20.94 17.84 29.68
C ASP A 99 20.51 16.60 28.93
N GLU A 100 19.29 16.14 29.19
CA GLU A 100 18.75 14.99 28.51
C GLU A 100 18.60 15.29 27.02
N MET A 101 18.04 16.46 26.72
CA MET A 101 17.90 16.91 25.34
C MET A 101 19.25 16.90 24.64
N TYR A 102 20.26 17.50 25.27
CA TYR A 102 21.57 17.63 24.64
C TYR A 102 22.13 16.26 24.33
N LEU A 103 21.94 15.32 25.25
CA LEU A 103 22.48 13.96 25.12
C LEU A 103 21.93 13.19 23.94
N THR A 104 20.67 13.44 23.57
CA THR A 104 20.09 12.85 22.36
C THR A 104 20.87 13.31 21.14
N GLN A 105 21.24 14.58 21.10
CA GLN A 105 22.06 15.11 19.99
C GLN A 105 23.47 14.52 20.05
N PHE A 106 23.99 14.41 21.26
CA PHE A 106 25.30 13.82 21.53
C PHE A 106 25.32 12.40 20.96
N ALA A 107 24.35 11.58 21.37
CA ALA A 107 24.23 10.20 20.92
C ALA A 107 24.06 10.05 19.41
N PHE A 108 23.27 10.96 18.81
CA PHE A 108 22.98 10.90 17.39
C PHE A 108 24.27 11.08 16.63
N GLU A 109 24.98 12.16 16.98
CA GLU A 109 26.32 12.52 16.48
C GLU A 109 27.34 11.38 16.54
N GLU A 110 27.22 10.54 17.56
CA GLU A 110 28.06 9.35 17.64
C GLU A 110 27.62 8.25 16.65
N ALA A 111 26.31 8.03 16.48
CA ALA A 111 25.80 7.17 15.40
C ALA A 111 26.27 7.69 14.03
N LYS A 112 26.28 9.02 13.91
CA LYS A 112 26.72 9.72 12.70
C LYS A 112 28.22 9.54 12.42
N HIS A 113 29.03 9.56 13.47
CA HIS A 113 30.46 9.30 13.32
C HIS A 113 30.69 7.90 12.83
N THR A 114 29.98 6.93 13.42
CA THR A 114 30.08 5.53 13.00
C THR A 114 29.74 5.38 11.51
N GLN A 115 28.65 6.01 11.09
CA GLN A 115 28.25 6.06 9.68
C GLN A 115 29.43 6.46 8.80
N VAL A 116 30.03 7.62 9.10
CA VAL A 116 31.03 8.23 8.24
C VAL A 116 32.35 7.45 8.16
N PHE A 117 32.72 6.79 9.27
CA PHE A 117 33.89 5.93 9.29
C PHE A 117 33.64 4.65 8.47
N ARG A 118 32.42 4.14 8.52
CA ARG A 118 32.03 2.98 7.69
C ARG A 118 32.09 3.32 6.20
N MET A 119 31.69 4.55 5.87
CA MET A 119 31.71 5.05 4.51
C MET A 119 33.13 5.20 3.95
N TRP A 120 34.05 5.67 4.79
CA TRP A 120 35.45 5.69 4.39
C TRP A 120 35.92 4.30 4.17
N LEU A 121 35.64 3.40 5.11
CA LEU A 121 36.05 2.01 4.98
C LEU A 121 35.52 1.33 3.71
N ASP A 122 34.29 1.67 3.33
CA ASP A 122 33.69 1.17 2.09
C ASP A 122 34.42 1.72 0.84
N ALA A 123 34.62 3.04 0.81
CA ALA A 123 35.20 3.75 -0.34
C ALA A 123 36.62 3.32 -0.73
N VAL A 124 37.41 2.87 0.25
CA VAL A 124 38.76 2.40 -0.01
C VAL A 124 38.77 0.87 -0.18
N GLY A 125 37.58 0.26 -0.12
CA GLY A 125 37.40 -1.16 -0.44
C GLY A 125 37.57 -2.17 0.69
N ILE A 126 37.42 -1.74 1.93
CA ILE A 126 37.51 -2.68 3.06
C ILE A 126 36.12 -3.25 3.43
N SER A 127 35.95 -4.56 3.28
CA SER A 127 34.68 -5.21 3.53
C SER A 127 34.82 -6.51 4.31
N GLU A 128 36.05 -6.86 4.70
CA GLU A 128 36.31 -8.05 5.52
C GLU A 128 36.01 -7.78 7.00
N ASP A 129 35.79 -8.85 7.76
CA ASP A 129 35.67 -8.76 9.22
C ASP A 129 36.93 -8.11 9.78
N LEU A 130 36.74 -7.08 10.62
CA LEU A 130 37.86 -6.29 11.14
C LEU A 130 38.16 -6.58 12.62
N HIS A 131 37.34 -7.42 13.25
CA HIS A 131 37.54 -7.77 14.65
C HIS A 131 38.97 -8.16 14.96
N ARG A 132 39.58 -8.92 14.06
CA ARG A 132 40.96 -9.40 14.23
C ARG A 132 41.99 -8.29 14.41
N TYR A 133 41.66 -7.06 13.99
CA TYR A 133 42.56 -5.93 14.18
C TYR A 133 42.63 -5.40 15.63
N LEU A 134 41.66 -5.78 16.45
CA LEU A 134 41.68 -5.46 17.86
C LEU A 134 42.27 -6.59 18.68
N ASP A 135 42.59 -7.71 18.03
CA ASP A 135 43.08 -8.91 18.71
C ASP A 135 44.31 -8.63 19.56
N ASP A 136 45.37 -8.13 18.93
CA ASP A 136 46.64 -7.94 19.64
C ASP A 136 46.67 -6.67 20.48
N LEU A 137 45.51 -6.10 20.75
CA LEU A 137 45.40 -4.85 21.48
C LEU A 137 44.55 -5.03 22.73
N PRO A 138 45.04 -5.82 23.70
CA PRO A 138 44.17 -6.10 24.85
C PRO A 138 43.70 -4.85 25.58
N ALA A 139 44.50 -3.78 25.49
CA ALA A 139 44.17 -2.54 26.18
C ALA A 139 42.94 -1.86 25.56
N TYR A 140 42.75 -2.05 24.25
CA TYR A 140 41.56 -1.58 23.57
C TYR A 140 40.26 -2.14 24.15
N ARG A 141 40.27 -3.44 24.42
CA ARG A 141 39.09 -4.14 24.85
C ARG A 141 38.76 -3.80 26.30
N GLN A 142 39.80 -3.55 27.09
CA GLN A 142 39.62 -3.16 28.50
C GLN A 142 38.99 -1.76 28.63
N ILE A 143 39.39 -0.84 27.77
CA ILE A 143 38.76 0.48 27.71
C ILE A 143 37.36 0.41 27.11
N PHE A 144 37.23 -0.20 25.93
CA PHE A 144 35.96 -0.14 25.18
C PHE A 144 34.94 -1.25 25.41
N TYR A 145 35.38 -2.47 25.64
CA TYR A 145 34.46 -3.59 25.92
C TYR A 145 34.22 -3.79 27.42
N ALA A 146 34.96 -3.06 28.26
CA ALA A 146 34.79 -3.21 29.73
C ALA A 146 34.61 -1.90 30.51
N GLU A 147 35.68 -1.11 30.64
CA GLU A 147 35.65 0.10 31.49
C GLU A 147 34.56 1.07 31.06
N LEU A 148 34.51 1.38 29.77
CA LEU A 148 33.45 2.25 29.21
C LEU A 148 32.05 1.73 29.54
N PRO A 149 31.68 0.53 29.05
CA PRO A 149 30.33 0.01 29.33
C PRO A 149 30.02 -0.07 30.82
N GLU A 150 30.91 -0.66 31.61
CA GLU A 150 30.61 -0.92 33.03
C GLU A 150 30.38 0.35 33.81
N CYS A 151 31.28 1.31 33.64
CA CYS A 151 31.21 2.57 34.37
C CYS A 151 29.94 3.36 34.03
N LEU A 152 29.54 3.29 32.76
CA LEU A 152 28.40 4.04 32.26
C LEU A 152 27.08 3.37 32.60
N ASN A 153 27.05 2.04 32.51
CA ASN A 153 25.85 1.29 32.86
C ASN A 153 25.50 1.28 34.35
N ALA A 154 26.49 1.63 35.19
CA ALA A 154 26.29 1.78 36.64
C ALA A 154 25.24 2.84 36.91
N LEU A 155 25.25 3.88 36.09
CA LEU A 155 24.30 4.99 36.16
C LEU A 155 22.81 4.59 36.19
N SER A 156 22.48 3.40 35.67
CA SER A 156 21.09 2.92 35.66
C SER A 156 20.59 2.65 37.07
N ALA A 157 21.41 1.96 37.86
CA ALA A 157 21.07 1.60 39.24
C ALA A 157 21.44 2.73 40.21
N ASP A 158 22.41 3.54 39.81
CA ASP A 158 23.03 4.51 40.70
C ASP A 158 23.42 5.79 39.93
N PRO A 159 22.51 6.78 39.89
CA PRO A 159 22.81 8.04 39.21
C PRO A 159 23.45 9.09 40.11
N SER A 160 24.00 8.68 41.25
CA SER A 160 24.58 9.62 42.22
C SER A 160 25.66 10.51 41.56
N PRO A 161 25.90 11.71 42.14
CA PRO A 161 26.92 12.63 41.59
C PRO A 161 28.30 11.98 41.39
N ALA A 162 28.72 11.10 42.30
CA ALA A 162 30.00 10.40 42.16
C ALA A 162 29.99 9.46 40.94
N ALA A 163 28.94 8.67 40.81
CA ALA A 163 28.81 7.76 39.67
C ALA A 163 28.88 8.52 38.36
N GLN A 164 28.23 9.68 38.33
CA GLN A 164 28.27 10.59 37.19
C GLN A 164 29.69 11.09 36.85
N VAL A 165 30.48 11.42 37.88
CA VAL A 165 31.85 11.87 37.67
C VAL A 165 32.70 10.74 37.10
N ARG A 166 32.59 9.55 37.67
CA ARG A 166 33.32 8.38 37.20
C ARG A 166 33.00 8.09 35.74
N ALA A 167 31.71 8.15 35.42
CA ALA A 167 31.20 8.00 34.06
C ALA A 167 31.74 9.07 33.11
N SER A 168 31.68 10.33 33.52
CA SER A 168 32.11 11.45 32.68
C SER A 168 33.62 11.44 32.39
N VAL A 169 34.40 11.01 33.38
CA VAL A 169 35.85 10.90 33.24
C VAL A 169 36.21 9.79 32.26
N THR A 170 35.45 8.69 32.33
CA THR A 170 35.66 7.58 31.44
C THR A 170 35.33 7.97 30.01
N TYR A 171 34.12 8.51 29.81
CA TYR A 171 33.66 8.88 28.48
C TYR A 171 34.31 10.17 27.92
N ASN A 172 34.09 11.30 28.61
CA ASN A 172 34.43 12.59 28.04
C ASN A 172 35.88 13.00 28.23
N HIS A 173 36.45 12.73 29.40
CA HIS A 173 37.80 13.23 29.71
C HIS A 173 38.90 12.34 29.22
N ILE A 174 38.61 11.05 29.05
CA ILE A 174 39.61 10.06 28.63
C ILE A 174 39.37 9.56 27.20
N VAL A 175 38.22 8.91 26.97
CA VAL A 175 37.91 8.32 25.67
C VAL A 175 37.90 9.37 24.53
N GLU A 176 37.21 10.48 24.77
CA GLU A 176 37.17 11.57 23.80
C GLU A 176 38.36 12.49 23.99
N GLY A 177 38.51 13.00 25.20
CA GLY A 177 39.52 14.01 25.49
C GLY A 177 40.99 13.60 25.42
N MET A 178 41.25 12.30 25.33
CA MET A 178 42.62 11.80 25.35
C MET A 178 42.87 10.80 24.22
N LEU A 179 42.08 9.72 24.14
CA LEU A 179 42.28 8.71 23.11
C LEU A 179 41.87 9.18 21.70
N ALA A 180 40.70 9.81 21.58
CA ALA A 180 40.28 10.37 20.30
C ALA A 180 41.18 11.53 19.88
N LEU A 181 41.46 12.45 20.81
CA LEU A 181 42.36 13.56 20.49
C LEU A 181 43.71 13.07 20.00
N THR A 182 44.27 12.05 20.65
CA THR A 182 45.51 11.39 20.18
C THR A 182 45.31 10.63 18.88
N GLY A 183 44.10 10.14 18.66
CA GLY A 183 43.77 9.44 17.42
C GLY A 183 43.63 10.36 16.22
N TYR A 184 43.08 11.54 16.43
CA TYR A 184 42.99 12.56 15.38
C TYR A 184 44.40 12.98 14.91
N TYR A 185 45.26 13.20 15.90
CA TYR A 185 46.67 13.47 15.69
C TYR A 185 47.34 12.41 14.82
N ALA A 186 47.00 11.15 15.02
CA ALA A 186 47.51 10.10 14.15
C ALA A 186 47.05 10.36 12.73
N TRP A 187 45.77 10.66 12.55
CA TRP A 187 45.23 10.96 11.19
C TRP A 187 45.91 12.11 10.52
N HIS A 188 46.28 13.12 11.32
CA HIS A 188 46.98 14.31 10.84
C HIS A 188 48.38 13.97 10.41
N LYS A 189 49.09 13.24 11.28
CA LYS A 189 50.46 12.81 11.01
C LYS A 189 50.54 11.85 9.80
N ILE A 190 49.39 11.36 9.35
CA ILE A 190 49.28 10.39 8.24
C ILE A 190 48.72 11.03 6.97
N CYS A 191 47.72 11.90 7.14
CA CYS A 191 46.95 12.40 6.03
C CYS A 191 47.44 13.74 5.51
N VAL A 192 47.46 14.74 6.39
CA VAL A 192 47.85 16.10 6.03
C VAL A 192 49.31 16.11 5.63
N GLU A 193 50.15 15.55 6.50
CA GLU A 193 51.59 15.58 6.27
C GLU A 193 52.02 14.99 4.93
N ARG A 194 51.42 13.86 4.55
CA ARG A 194 51.75 13.21 3.28
C ARG A 194 50.80 13.63 2.13
N ALA A 195 49.83 14.46 2.48
CA ALA A 195 48.85 15.02 1.53
C ALA A 195 48.00 13.95 0.84
N ILE A 196 47.56 12.97 1.61
CA ILE A 196 46.73 11.87 1.11
C ILE A 196 45.40 11.80 1.85
N LEU A 197 44.48 10.99 1.33
CA LEU A 197 43.17 10.72 1.95
C LEU A 197 42.37 11.96 2.37
N PRO A 198 42.03 12.86 1.39
CA PRO A 198 41.31 14.11 1.74
C PRO A 198 39.93 13.88 2.36
N GLY A 199 39.33 12.72 2.07
CA GLY A 199 38.07 12.32 2.67
C GLY A 199 38.20 12.17 4.16
N MET A 200 39.12 11.31 4.57
CA MET A 200 39.50 11.13 5.97
C MET A 200 39.83 12.47 6.64
N GLN A 201 40.46 13.37 5.87
CA GLN A 201 40.85 14.68 6.37
C GLN A 201 39.65 15.49 6.84
N GLU A 202 38.65 15.60 5.96
CA GLU A 202 37.43 16.34 6.24
C GLU A 202 36.60 15.63 7.32
N LEU A 203 36.48 14.31 7.18
CA LEU A 203 35.83 13.45 8.14
C LEU A 203 36.33 13.80 9.54
N VAL A 204 37.66 13.85 9.67
CA VAL A 204 38.30 14.14 10.94
C VAL A 204 38.04 15.56 11.44
N ARG A 205 38.06 16.55 10.55
CA ARG A 205 37.74 17.93 10.97
C ARG A 205 36.32 17.98 11.52
N ARG A 206 35.40 17.32 10.82
CA ARG A 206 33.97 17.38 11.11
C ARG A 206 33.61 16.70 12.43
N ILE A 207 34.08 15.46 12.61
CA ILE A 207 33.82 14.73 13.84
C ILE A 207 34.62 15.37 14.99
N GLY A 208 35.78 15.95 14.64
CA GLY A 208 36.58 16.73 15.57
C GLY A 208 35.84 17.94 16.08
N ASP A 209 35.01 18.55 15.24
CA ASP A 209 34.15 19.66 15.65
C ASP A 209 33.09 19.25 16.67
N ASP A 210 32.36 18.18 16.37
CA ASP A 210 31.32 17.70 17.26
C ASP A 210 31.93 17.43 18.63
N GLU A 211 33.07 16.74 18.59
CA GLU A 211 33.83 16.28 19.76
C GLU A 211 34.19 17.38 20.76
N ARG A 212 34.35 18.60 20.27
CA ARG A 212 34.56 19.78 21.10
C ARG A 212 33.43 20.00 22.13
N ARG A 213 32.21 19.82 21.68
CA ARG A 213 31.05 20.01 22.55
C ARG A 213 30.80 18.78 23.44
N HIS A 214 31.09 17.58 22.93
CA HIS A 214 31.03 16.36 23.75
C HIS A 214 31.96 16.52 24.91
N MET A 215 33.16 17.04 24.63
CA MET A 215 34.17 17.34 25.63
C MET A 215 33.72 18.45 26.59
N ALA A 216 33.08 19.49 26.05
CA ALA A 216 32.57 20.57 26.87
C ALA A 216 31.47 20.15 27.85
N TRP A 217 30.59 19.23 27.44
CA TRP A 217 29.54 18.71 28.33
C TRP A 217 30.13 17.91 29.46
N GLY A 218 31.20 17.19 29.18
CA GLY A 218 31.91 16.42 30.21
C GLY A 218 32.51 17.29 31.29
N THR A 219 33.11 18.40 30.89
CA THR A 219 33.63 19.41 31.83
C THR A 219 32.49 20.05 32.65
N PHE A 220 31.38 20.34 32.00
CA PHE A 220 30.21 20.88 32.68
C PHE A 220 29.73 19.91 33.75
N THR A 221 29.55 18.65 33.36
CA THR A 221 29.02 17.64 34.27
C THR A 221 29.90 17.43 35.50
N CYS A 222 31.22 17.36 35.30
CA CYS A 222 32.14 17.24 36.42
C CYS A 222 32.21 18.54 37.24
N ARG A 223 32.24 19.69 36.55
CA ARG A 223 32.24 20.98 37.25
C ARG A 223 31.09 21.11 38.25
N ARG A 224 29.86 20.85 37.83
CA ARG A 224 28.71 21.10 38.71
C ARG A 224 28.64 20.18 39.93
N HIS A 225 29.19 18.97 39.82
CA HIS A 225 29.22 18.05 40.96
C HIS A 225 30.35 18.38 41.90
N VAL A 226 31.45 18.88 41.35
CA VAL A 226 32.61 19.24 42.17
C VAL A 226 32.29 20.52 42.95
N ALA A 227 31.61 21.46 42.30
CA ALA A 227 31.12 22.67 42.95
C ALA A 227 30.10 22.37 44.06
N ALA A 228 29.27 21.36 43.84
CA ALA A 228 28.22 20.97 44.79
C ALA A 228 28.78 20.30 46.03
N ASP A 229 29.72 19.37 45.81
CA ASP A 229 30.37 18.63 46.90
C ASP A 229 31.84 18.43 46.58
N ASP A 230 32.71 19.09 47.34
CA ASP A 230 34.16 19.05 47.09
C ASP A 230 34.73 17.63 47.14
N ALA A 231 33.98 16.72 47.76
CA ALA A 231 34.32 15.30 47.81
C ALA A 231 34.39 14.68 46.41
N ASN A 232 33.72 15.31 45.44
CA ASN A 232 33.65 14.82 44.08
C ASN A 232 34.92 15.10 43.27
N TRP A 233 35.76 15.98 43.80
CA TRP A 233 37.08 16.21 43.21
C TRP A 233 37.99 15.00 43.38
N THR A 234 37.87 14.32 44.51
CA THR A 234 38.66 13.13 44.78
C THR A 234 38.20 11.98 43.89
N VAL A 235 36.89 11.90 43.64
CA VAL A 235 36.33 10.94 42.69
C VAL A 235 36.92 11.21 41.30
N PHE A 236 36.86 12.46 40.86
CA PHE A 236 37.43 12.86 39.58
C PHE A 236 38.90 12.48 39.44
N GLU A 237 39.70 12.88 40.43
CA GLU A 237 41.14 12.65 40.44
C GLU A 237 41.45 11.16 40.31
N THR A 238 40.85 10.37 41.21
CA THR A 238 41.13 8.93 41.28
C THR A 238 40.85 8.21 39.97
N ARG A 239 39.69 8.51 39.36
CA ARG A 239 39.29 7.93 38.07
C ARG A 239 40.23 8.30 36.93
N MET A 240 40.60 9.57 36.87
CA MET A 240 41.61 10.06 35.94
C MET A 240 42.92 9.29 36.14
N ASN A 241 43.38 9.21 37.39
CA ASN A 241 44.59 8.44 37.73
C ASN A 241 44.52 6.93 37.39
N GLU A 242 43.33 6.34 37.49
CA GLU A 242 43.11 4.97 37.07
C GLU A 242 43.19 4.78 35.55
N LEU A 243 42.62 5.71 34.79
CA LEU A 243 42.45 5.50 33.34
C LEU A 243 43.58 5.99 32.46
N ILE A 244 44.32 6.99 32.96
CA ILE A 244 45.50 7.49 32.25
C ILE A 244 46.55 6.39 31.97
N PRO A 245 46.99 5.64 33.01
CA PRO A 245 47.95 4.57 32.70
C PRO A 245 47.38 3.61 31.66
N LEU A 246 46.09 3.30 31.78
CA LEU A 246 45.42 2.37 30.85
C LEU A 246 45.35 2.88 29.40
N ALA A 247 45.16 4.19 29.21
CA ALA A 247 45.12 4.79 27.88
C ALA A 247 46.48 4.72 27.16
N LEU A 248 47.54 5.13 27.86
CA LEU A 248 48.90 5.11 27.28
C LEU A 248 49.26 3.70 26.89
N ARG A 249 48.65 2.75 27.58
CA ARG A 249 48.89 1.33 27.33
C ARG A 249 48.39 0.93 25.96
N LEU A 250 47.26 1.52 25.54
CA LEU A 250 46.71 1.28 24.22
C LEU A 250 47.64 1.86 23.17
N ILE A 251 48.10 3.09 23.40
CA ILE A 251 49.08 3.69 22.50
C ILE A 251 50.31 2.79 22.37
N GLU A 252 50.86 2.34 23.50
CA GLU A 252 52.06 1.49 23.51
C GLU A 252 51.86 0.14 22.82
N GLU A 253 50.69 -0.48 23.06
CA GLU A 253 50.35 -1.76 22.44
C GLU A 253 50.21 -1.62 20.93
N GLY A 254 49.61 -0.50 20.49
CA GLY A 254 49.49 -0.20 19.07
C GLY A 254 50.86 -0.19 18.41
N PHE A 255 51.78 0.55 19.03
CA PHE A 255 53.16 0.70 18.55
C PHE A 255 53.99 -0.58 18.63
N ALA A 256 53.76 -1.37 19.68
CA ALA A 256 54.50 -2.62 19.91
C ALA A 256 54.35 -3.61 18.73
N LEU A 257 53.22 -3.51 18.04
CA LEU A 257 52.94 -4.32 16.84
C LEU A 257 53.86 -4.09 15.63
N TYR A 258 54.70 -3.05 15.69
CA TYR A 258 55.53 -2.71 14.56
C TYR A 258 57.01 -2.61 14.94
N GLY A 259 57.37 -3.31 16.02
CA GLY A 259 58.74 -3.28 16.55
C GLY A 259 59.10 -1.92 17.10
N ASP A 260 58.06 -1.17 17.50
CA ASP A 260 58.13 0.24 17.90
C ASP A 260 58.52 1.23 16.78
N GLN A 261 59.04 0.72 15.66
CA GLN A 261 59.47 1.54 14.50
C GLN A 261 58.44 1.48 13.37
N PRO A 262 57.30 2.18 13.55
CA PRO A 262 56.12 1.97 12.72
C PRO A 262 56.13 2.76 11.40
N PRO A 263 55.07 2.64 10.58
CA PRO A 263 55.03 3.40 9.33
C PRO A 263 54.55 4.84 9.54
N PHE A 264 54.73 5.68 8.52
CA PHE A 264 54.39 7.11 8.54
C PHE A 264 55.31 7.95 9.44
N ASP A 265 56.47 7.38 9.74
CA ASP A 265 57.51 7.97 10.61
C ASP A 265 56.95 8.43 11.94
N LEU A 266 56.15 7.59 12.57
CA LEU A 266 55.51 7.95 13.83
C LEU A 266 56.43 7.59 14.98
N SER A 267 56.59 8.51 15.93
CA SER A 267 57.44 8.28 17.09
C SER A 267 56.63 7.91 18.33
N LYS A 268 56.95 6.76 18.92
CA LYS A 268 56.25 6.25 20.09
C LYS A 268 56.22 7.27 21.24
N ASP A 269 57.37 7.90 21.51
CA ASP A 269 57.49 8.86 22.61
C ASP A 269 56.78 10.16 22.32
N ASP A 270 56.82 10.59 21.06
CA ASP A 270 56.00 11.71 20.57
C ASP A 270 54.53 11.49 20.96
N PHE A 271 53.92 10.43 20.45
CA PHE A 271 52.54 10.06 20.78
C PHE A 271 52.29 9.93 22.28
N LEU A 272 53.24 9.36 23.01
CA LEU A 272 53.10 9.26 24.47
C LEU A 272 53.11 10.63 25.15
N GLN A 273 53.86 11.58 24.60
CA GLN A 273 53.87 12.95 25.12
C GLN A 273 52.55 13.61 24.78
N TYR A 274 52.17 13.54 23.50
CA TYR A 274 50.91 14.12 23.04
C TYR A 274 49.74 13.70 23.92
N SER A 275 49.58 12.39 24.09
CA SER A 275 48.47 11.83 24.82
C SER A 275 48.45 12.23 26.29
N THR A 276 49.63 12.26 26.92
CA THR A 276 49.74 12.61 28.34
C THR A 276 49.38 14.07 28.50
N ASP A 277 49.78 14.88 27.52
CA ASP A 277 49.43 16.28 27.49
C ASP A 277 47.92 16.40 27.48
N LYS A 278 47.28 15.60 26.63
CA LYS A 278 45.82 15.65 26.50
C LYS A 278 45.15 15.16 27.79
N GLY A 279 45.63 14.04 28.32
CA GLY A 279 45.15 13.52 29.60
C GLY A 279 45.32 14.48 30.77
N MET A 280 46.54 14.97 30.98
CA MET A 280 46.85 15.79 32.15
C MET A 280 46.13 17.16 32.17
N ARG A 281 45.83 17.70 31.00
CA ARG A 281 45.14 18.99 30.86
C ARG A 281 43.72 18.93 31.41
N ARG A 282 43.22 17.72 31.59
CA ARG A 282 41.85 17.54 32.03
C ARG A 282 41.62 17.96 33.47
N PHE A 283 42.67 17.88 34.28
CA PHE A 283 42.61 18.30 35.67
C PHE A 283 42.35 19.82 35.75
N GLY A 284 43.03 20.58 34.89
CA GLY A 284 42.85 22.02 34.84
C GLY A 284 41.41 22.46 34.59
N THR A 285 40.74 21.75 33.67
CA THR A 285 39.38 22.08 33.29
C THR A 285 38.37 21.93 34.43
N ILE A 286 38.72 21.16 35.45
CA ILE A 286 37.76 20.86 36.51
C ILE A 286 38.05 21.59 37.83
N SER A 287 39.33 21.83 38.12
CA SER A 287 39.72 22.34 39.46
C SER A 287 39.16 23.71 39.81
N ASN A 288 39.13 24.64 38.84
CA ASN A 288 38.58 25.98 39.10
C ASN A 288 37.08 26.01 39.53
N ALA A 289 36.42 24.85 39.46
CA ALA A 289 35.03 24.73 39.87
C ALA A 289 34.88 24.50 41.38
N ARG A 290 35.99 24.21 42.05
CA ARG A 290 35.99 23.99 43.49
C ARG A 290 35.66 25.27 44.24
N GLY A 291 34.64 25.21 45.09
CA GLY A 291 34.25 26.35 45.92
C GLY A 291 33.25 27.28 45.27
N ARG A 292 33.20 27.27 43.94
CA ARG A 292 32.28 28.14 43.18
C ARG A 292 30.81 27.74 43.36
N PRO A 293 29.89 28.72 43.19
CA PRO A 293 28.48 28.40 43.45
C PRO A 293 27.88 27.55 42.34
N VAL A 294 27.00 26.61 42.71
CA VAL A 294 26.40 25.68 41.76
C VAL A 294 25.60 26.40 40.67
N ALA A 295 24.78 27.37 41.10
CA ALA A 295 23.89 28.11 40.20
C ALA A 295 24.62 28.90 39.11
N GLU A 296 25.85 29.34 39.41
CA GLU A 296 26.71 30.00 38.43
C GLU A 296 27.10 29.06 37.30
N ILE A 297 27.44 27.82 37.68
CA ILE A 297 27.95 26.83 36.73
C ILE A 297 26.91 26.42 35.68
N ASP A 298 25.63 26.41 36.05
CA ASP A 298 24.54 26.13 35.11
C ASP A 298 24.65 27.01 33.88
N VAL A 299 24.68 28.32 34.10
CA VAL A 299 24.63 29.32 33.04
C VAL A 299 26.02 29.70 32.49
N ASP A 300 27.05 28.99 32.94
CA ASP A 300 28.42 29.27 32.52
C ASP A 300 28.81 28.53 31.25
N TYR A 301 29.31 29.29 30.28
CA TYR A 301 29.65 28.76 28.95
C TYR A 301 31.16 28.54 28.79
N SER A 302 31.92 28.88 29.84
CA SER A 302 33.39 28.69 29.83
C SER A 302 33.87 27.28 29.45
N PRO A 303 33.13 26.20 29.82
CA PRO A 303 33.57 24.86 29.37
C PRO A 303 33.69 24.72 27.84
N ALA A 304 32.86 25.45 27.09
CA ALA A 304 32.90 25.37 25.63
C ALA A 304 33.96 26.26 25.00
N GLN A 305 34.15 27.46 25.56
CA GLN A 305 35.24 28.33 25.09
C GLN A 305 36.59 27.74 25.42
N LEU A 306 36.69 27.08 26.58
CA LEU A 306 37.88 26.33 26.98
C LEU A 306 38.30 25.29 25.93
N GLU A 307 37.34 24.49 25.48
CA GLU A 307 37.60 23.51 24.41
C GLU A 307 37.95 24.19 23.08
N ASP A 308 37.46 25.42 22.88
CA ASP A 308 37.83 26.22 21.71
C ASP A 308 39.29 26.62 21.77
N THR A 309 39.70 27.16 22.91
CA THR A 309 41.08 27.63 23.07
C THR A 309 42.09 26.49 23.22
N PHE A 310 41.59 25.28 23.54
CA PHE A 310 42.41 24.06 23.46
C PHE A 310 42.70 23.68 22.00
N ALA A 311 41.69 23.82 21.14
CA ALA A 311 41.83 23.50 19.71
C ALA A 311 42.76 24.50 19.03
N ASP A 312 42.66 25.76 19.45
CA ASP A 312 43.54 26.82 19.00
C ASP A 312 44.98 26.50 19.40
N GLU A 313 45.18 26.23 20.70
CA GLU A 313 46.47 25.82 21.25
C GLU A 313 47.10 24.68 20.45
N ASP A 314 46.30 23.66 20.13
CA ASP A 314 46.77 22.48 19.41
C ASP A 314 47.20 22.75 17.97
N ARG A 315 46.40 23.55 17.25
CA ARG A 315 46.75 23.96 15.88
C ARG A 315 48.03 24.80 15.84
N ARG A 316 48.23 25.62 16.88
CA ARG A 316 49.43 26.43 17.01
C ARG A 316 50.67 25.58 17.26
N THR A 317 50.51 24.50 18.05
CA THR A 317 51.63 23.57 18.30
C THR A 317 52.09 22.90 17.02
N LEU A 318 51.13 22.39 16.24
CA LEU A 318 51.39 21.73 14.96
C LEU A 318 52.17 22.68 14.03
N ALA A 319 51.95 23.98 14.21
CA ALA A 319 52.62 25.02 13.43
C ALA A 319 54.08 25.25 13.84
N ALA A 320 54.39 25.05 15.12
CA ALA A 320 55.71 25.40 15.67
C ALA A 320 56.82 24.36 15.44
N ALA A 321 56.44 23.15 15.01
CA ALA A 321 57.42 22.07 14.79
C ALA A 321 58.10 22.13 13.42
N THR B 11 31.41 -6.51 29.12
CA THR B 11 30.07 -7.10 28.78
C THR B 11 29.93 -7.26 27.27
N ARG B 12 30.55 -6.34 26.53
CA ARG B 12 30.52 -6.34 25.07
C ARG B 12 31.58 -7.27 24.48
N THR B 13 31.19 -8.02 23.46
CA THR B 13 32.07 -9.01 22.83
C THR B 13 32.42 -8.64 21.39
N ARG B 14 31.53 -7.94 20.71
CA ARG B 14 31.72 -7.60 19.30
C ARG B 14 31.37 -6.16 18.96
N SER B 15 31.75 -5.74 17.75
CA SER B 15 31.39 -4.42 17.23
C SER B 15 30.75 -4.56 15.85
N GLY B 16 29.45 -4.25 15.78
CA GLY B 16 28.63 -4.41 14.57
C GLY B 16 29.20 -3.77 13.32
N SER B 17 29.90 -2.65 13.49
CA SER B 17 30.44 -1.94 12.33
C SER B 17 31.77 -2.49 11.83
N LEU B 18 32.24 -3.57 12.49
CA LEU B 18 33.43 -4.30 12.03
C LEU B 18 33.07 -5.58 11.28
N ALA B 19 31.79 -5.80 11.04
CA ALA B 19 31.32 -7.03 10.41
C ALA B 19 31.64 -7.08 8.93
N ALA B 20 31.67 -8.31 8.39
CA ALA B 20 31.84 -8.55 6.94
C ALA B 20 30.77 -7.85 6.09
N GLY B 21 31.23 -7.09 5.09
CA GLY B 21 30.35 -6.27 4.25
C GLY B 21 29.89 -4.96 4.88
N GLY B 22 30.37 -4.67 6.09
CA GLY B 22 29.92 -3.52 6.86
C GLY B 22 28.42 -3.51 7.09
N LEU B 23 27.86 -2.31 7.20
CA LEU B 23 26.43 -2.10 7.36
C LEU B 23 25.76 -2.16 6.00
N ASN B 24 24.45 -2.37 5.98
CA ASN B 24 23.70 -2.39 4.74
C ASN B 24 22.98 -1.06 4.49
N TRP B 25 23.44 -0.32 3.48
CA TRP B 25 22.92 1.02 3.22
C TRP B 25 21.55 1.00 2.60
N ALA B 26 21.19 -0.19 2.10
CA ALA B 26 19.93 -0.43 1.42
C ALA B 26 18.84 -0.88 2.39
N SER B 27 19.21 -1.05 3.66
CA SER B 27 18.22 -1.33 4.68
C SER B 27 17.41 -0.08 5.01
N LEU B 28 16.17 -0.32 5.42
CA LEU B 28 15.23 0.72 5.74
C LEU B 28 15.72 1.69 6.84
N PRO B 29 16.26 1.16 7.96
CA PRO B 29 16.68 2.12 9.01
C PRO B 29 17.80 3.08 8.58
N LEU B 30 18.76 2.59 7.81
CA LEU B 30 19.85 3.43 7.34
C LEU B 30 19.42 4.35 6.19
N LYS B 31 18.42 3.93 5.42
CA LYS B 31 17.80 4.81 4.42
C LYS B 31 17.11 5.99 5.11
N LEU B 32 16.28 5.69 6.11
CA LEU B 32 15.66 6.70 6.95
C LEU B 32 16.70 7.64 7.60
N PHE B 33 17.76 7.05 8.18
CA PHE B 33 18.89 7.81 8.76
C PHE B 33 19.51 8.79 7.77
N ALA B 34 19.77 8.32 6.55
CA ALA B 34 20.30 9.16 5.47
C ALA B 34 19.27 10.22 5.08
N GLY B 35 18.00 9.84 5.05
CA GLY B 35 16.90 10.76 4.79
C GLY B 35 16.84 11.92 5.78
N GLY B 36 16.87 11.59 7.07
CA GLY B 36 16.85 12.58 8.14
C GLY B 36 18.08 13.47 8.20
N ASN B 37 19.23 12.93 7.78
CA ASN B 37 20.44 13.73 7.61
C ASN B 37 20.27 14.74 6.49
N ALA B 38 19.77 14.28 5.34
CA ALA B 38 19.51 15.17 4.19
C ALA B 38 18.43 16.22 4.50
N LYS B 39 17.40 15.81 5.24
CA LYS B 39 16.26 16.69 5.53
C LYS B 39 16.39 17.47 6.85
N PHE B 40 17.58 17.54 7.40
CA PHE B 40 17.80 18.25 8.66
C PHE B 40 17.44 19.72 8.55
N TRP B 41 16.61 20.21 9.49
CA TRP B 41 16.14 21.59 9.50
C TRP B 41 16.50 22.30 10.79
N HIS B 42 16.87 23.59 10.67
CA HIS B 42 17.38 24.38 11.80
C HIS B 42 16.29 25.16 12.48
N PRO B 43 15.98 24.82 13.74
CA PRO B 43 14.94 25.52 14.51
C PRO B 43 15.13 27.05 14.54
N ALA B 44 16.37 27.51 14.48
CA ALA B 44 16.66 28.95 14.47
C ALA B 44 16.17 29.65 13.19
N ASP B 45 15.91 28.86 12.15
CA ASP B 45 15.44 29.38 10.86
C ASP B 45 13.95 29.69 10.84
N ILE B 46 13.22 29.17 11.82
CA ILE B 46 11.79 29.40 11.89
C ILE B 46 11.50 30.82 12.39
N ASP B 47 10.77 31.58 11.58
CA ASP B 47 10.35 32.94 11.91
C ASP B 47 9.17 32.93 12.87
N PHE B 48 9.41 33.34 14.13
CA PHE B 48 8.35 33.45 15.15
C PHE B 48 7.91 34.90 15.37
N THR B 49 8.61 35.83 14.73
CA THR B 49 8.52 37.27 15.04
C THR B 49 7.11 37.87 14.91
N ARG B 50 6.28 37.28 14.06
CA ARG B 50 4.94 37.79 13.81
C ARG B 50 3.85 37.04 14.62
N ASP B 51 4.25 36.01 15.38
CA ASP B 51 3.29 35.19 16.12
C ASP B 51 2.66 35.85 17.36
N ARG B 52 3.41 36.67 18.08
CA ARG B 52 2.85 37.34 19.24
C ARG B 52 1.70 38.25 18.83
N ALA B 53 1.87 38.95 17.71
CA ALA B 53 0.85 39.85 17.17
C ALA B 53 -0.50 39.16 16.99
N ASP B 54 -0.50 38.06 16.23
CA ASP B 54 -1.69 37.23 16.03
C ASP B 54 -2.28 36.74 17.35
N TRP B 55 -1.40 36.31 18.26
CA TRP B 55 -1.78 35.71 19.54
C TRP B 55 -2.63 36.62 20.38
N GLU B 56 -2.30 37.91 20.39
CA GLU B 56 -3.01 38.89 21.21
C GLU B 56 -4.33 39.39 20.61
N LYS B 57 -4.47 39.26 19.29
CA LYS B 57 -5.71 39.57 18.58
C LYS B 57 -6.79 38.49 18.73
N LEU B 58 -6.43 37.38 19.37
CA LEU B 58 -7.36 36.28 19.60
C LEU B 58 -8.20 36.52 20.87
N SER B 59 -9.32 35.81 20.98
CA SER B 59 -10.13 35.85 22.20
C SER B 59 -9.49 35.05 23.34
N ASP B 60 -10.06 35.15 24.54
CA ASP B 60 -9.60 34.37 25.70
C ASP B 60 -9.76 32.86 25.48
N ASP B 61 -10.90 32.47 24.90
CA ASP B 61 -11.18 31.08 24.57
C ASP B 61 -10.19 30.50 23.56
N GLU B 62 -9.92 31.25 22.50
CA GLU B 62 -9.00 30.82 21.45
C GLU B 62 -7.58 30.57 22.00
N ARG B 63 -7.13 31.46 22.89
CA ARG B 63 -5.82 31.32 23.53
C ARG B 63 -5.81 30.18 24.54
N ASP B 64 -6.94 29.93 25.18
CA ASP B 64 -7.09 28.80 26.07
C ASP B 64 -6.95 27.49 25.30
N TYR B 65 -7.67 27.36 24.19
CA TYR B 65 -7.65 26.14 23.38
C TYR B 65 -6.25 25.88 22.78
N ALA B 66 -5.68 26.91 22.15
CA ALA B 66 -4.37 26.80 21.55
C ALA B 66 -3.28 26.48 22.58
N THR B 67 -3.42 26.98 23.81
CA THR B 67 -2.46 26.70 24.85
C THR B 67 -2.56 25.24 25.26
N ARG B 68 -3.78 24.77 25.46
CA ARG B 68 -4.04 23.37 25.81
C ARG B 68 -3.43 22.41 24.81
N LEU B 69 -3.60 22.72 23.53
CA LEU B 69 -3.12 21.89 22.44
C LEU B 69 -1.60 21.87 22.37
N CYS B 70 -0.99 23.03 22.58
CA CYS B 70 0.45 23.17 22.62
C CYS B 70 1.02 22.46 23.84
N THR B 71 0.28 22.49 24.93
CA THR B 71 0.67 21.82 26.15
C THR B 71 0.68 20.32 25.91
N GLN B 72 -0.37 19.82 25.27
CA GLN B 72 -0.47 18.40 24.95
C GLN B 72 0.66 18.00 24.04
N PHE B 73 0.94 18.85 23.05
CA PHE B 73 2.03 18.61 22.11
C PHE B 73 3.39 18.59 22.79
N ILE B 74 3.73 19.65 23.52
CA ILE B 74 5.08 19.75 24.06
C ILE B 74 5.38 18.68 25.10
N ALA B 75 4.38 18.29 25.91
CA ALA B 75 4.55 17.24 26.92
C ALA B 75 4.65 15.87 26.27
N GLY B 76 3.90 15.71 25.17
CA GLY B 76 3.96 14.51 24.33
C GLY B 76 5.30 14.31 23.64
N GLU B 77 5.87 15.39 23.12
CA GLU B 77 7.19 15.37 22.46
C GLU B 77 8.27 15.07 23.49
N GLU B 78 8.18 15.70 24.67
CA GLU B 78 9.09 15.44 25.78
C GLU B 78 9.03 13.97 26.20
N ALA B 79 7.81 13.44 26.32
CA ALA B 79 7.59 12.03 26.66
C ALA B 79 8.27 11.09 25.70
N VAL B 80 8.03 11.26 24.40
CA VAL B 80 8.57 10.33 23.39
C VAL B 80 10.10 10.35 23.28
N THR B 81 10.72 11.51 23.57
CA THR B 81 12.16 11.62 23.65
C THR B 81 12.73 10.69 24.74
N GLU B 82 12.00 10.56 25.85
CA GLU B 82 12.42 9.73 26.98
C GLU B 82 12.06 8.26 26.78
N ASP B 83 10.88 8.00 26.25
CA ASP B 83 10.38 6.62 26.19
C ASP B 83 10.87 5.83 24.98
N ILE B 84 11.51 6.50 24.01
CA ILE B 84 12.13 5.81 22.89
C ILE B 84 13.40 5.06 23.32
N GLN B 85 14.17 5.60 24.28
CA GLN B 85 15.44 5.00 24.75
C GLN B 85 15.46 3.47 24.92
N PRO B 86 14.38 2.90 25.51
CA PRO B 86 14.46 1.45 25.70
C PRO B 86 14.35 0.62 24.40
N PHE B 87 13.83 1.20 23.33
CA PHE B 87 13.79 0.50 22.06
C PHE B 87 15.23 0.31 21.56
N MET B 88 16.09 1.31 21.78
CA MET B 88 17.52 1.20 21.40
C MET B 88 18.14 -0.03 22.05
N SER B 89 17.91 -0.15 23.35
CA SER B 89 18.36 -1.27 24.17
C SER B 89 17.87 -2.62 23.62
N ALA B 90 16.64 -2.64 23.10
CA ALA B 90 16.09 -3.82 22.45
C ALA B 90 16.83 -4.16 21.15
N MET B 91 17.23 -3.13 20.41
CA MET B 91 17.98 -3.33 19.17
C MET B 91 19.36 -3.84 19.45
N ARG B 92 19.95 -3.39 20.56
CA ARG B 92 21.30 -3.80 20.94
C ARG B 92 21.27 -5.32 21.14
N ALA B 93 20.29 -5.75 21.92
CA ALA B 93 20.02 -7.15 22.19
C ALA B 93 19.68 -8.00 20.95
N GLU B 94 19.26 -7.38 19.86
CA GLU B 94 18.95 -8.17 18.67
C GLU B 94 20.16 -8.21 17.75
N GLY B 95 21.15 -7.36 18.06
CA GLY B 95 22.34 -7.16 17.23
C GLY B 95 22.07 -6.17 16.10
N ARG B 96 21.09 -5.30 16.29
CA ARG B 96 20.61 -4.49 15.19
C ARG B 96 21.18 -3.07 15.15
N LEU B 97 22.48 -2.98 14.86
CA LEU B 97 23.18 -1.70 14.80
C LEU B 97 22.48 -0.67 13.92
N ALA B 98 22.00 -1.12 12.76
CA ALA B 98 21.33 -0.22 11.82
C ALA B 98 20.10 0.43 12.45
N ASP B 99 19.32 -0.37 13.16
CA ASP B 99 18.18 0.20 13.85
C ASP B 99 18.59 1.10 15.01
N GLU B 100 19.66 0.72 15.69
CA GLU B 100 20.11 1.47 16.83
C GLU B 100 20.52 2.86 16.37
N MET B 101 21.40 2.88 15.37
CA MET B 101 21.78 4.10 14.71
C MET B 101 20.54 4.94 14.36
N TYR B 102 19.55 4.34 13.69
CA TYR B 102 18.38 5.14 13.31
C TYR B 102 17.70 5.76 14.52
N LEU B 103 17.64 5.00 15.61
CA LEU B 103 16.92 5.45 16.79
C LEU B 103 17.55 6.66 17.51
N THR B 104 18.87 6.79 17.44
CA THR B 104 19.54 7.99 17.98
C THR B 104 19.03 9.26 17.28
N GLN B 105 18.88 9.19 15.96
CA GLN B 105 18.38 10.31 15.17
C GLN B 105 16.94 10.60 15.51
N PHE B 106 16.17 9.52 15.63
CA PHE B 106 14.80 9.52 16.09
C PHE B 106 14.68 10.28 17.43
N ALA B 107 15.47 9.91 18.44
CA ALA B 107 15.41 10.55 19.76
C ALA B 107 15.79 12.03 19.74
N PHE B 108 16.85 12.34 18.98
CA PHE B 108 17.31 13.72 18.77
C PHE B 108 16.22 14.57 18.17
N GLU B 109 15.61 14.07 17.09
CA GLU B 109 14.47 14.75 16.47
C GLU B 109 13.35 15.13 17.44
N GLU B 110 13.08 14.24 18.39
CA GLU B 110 12.09 14.52 19.41
C GLU B 110 12.56 15.61 20.40
N ALA B 111 13.83 15.57 20.78
CA ALA B 111 14.40 16.63 21.62
C ALA B 111 14.24 17.95 20.91
N LYS B 112 14.60 17.96 19.64
CA LYS B 112 14.44 19.12 18.76
C LYS B 112 12.96 19.57 18.62
N HIS B 113 12.01 18.63 18.58
CA HIS B 113 10.59 19.04 18.56
C HIS B 113 10.16 19.68 19.85
N THR B 114 10.64 19.15 20.98
CA THR B 114 10.41 19.79 22.27
C THR B 114 10.91 21.25 22.23
N GLN B 115 12.17 21.42 21.81
CA GLN B 115 12.82 22.72 21.70
C GLN B 115 11.92 23.73 21.00
N VAL B 116 11.47 23.38 19.81
CA VAL B 116 10.75 24.31 18.94
C VAL B 116 9.38 24.71 19.51
N PHE B 117 8.69 23.77 20.17
CA PHE B 117 7.42 24.10 20.79
C PHE B 117 7.65 25.06 21.95
N ARG B 118 8.80 24.90 22.62
CA ARG B 118 9.15 25.75 23.74
C ARG B 118 9.49 27.15 23.27
N MET B 119 10.22 27.25 22.17
CA MET B 119 10.54 28.52 21.53
C MET B 119 9.27 29.27 21.12
N TRP B 120 8.29 28.54 20.59
CA TRP B 120 6.99 29.13 20.21
C TRP B 120 6.29 29.64 21.42
N LEU B 121 6.26 28.83 22.48
CA LEU B 121 5.64 29.23 23.73
C LEU B 121 6.27 30.52 24.26
N ASP B 122 7.61 30.58 24.25
CA ASP B 122 8.34 31.76 24.66
C ASP B 122 7.98 32.98 23.81
N ALA B 123 7.91 32.76 22.50
CA ALA B 123 7.65 33.82 21.53
C ALA B 123 6.31 34.53 21.75
N VAL B 124 5.30 33.77 22.17
CA VAL B 124 3.97 34.32 22.42
C VAL B 124 3.81 34.70 23.90
N GLY B 125 4.89 34.57 24.66
CA GLY B 125 4.93 35.06 26.03
C GLY B 125 4.28 34.21 27.11
N ILE B 126 4.16 32.90 26.88
CA ILE B 126 3.68 32.00 27.93
C ILE B 126 4.86 31.48 28.76
N SER B 127 4.80 31.71 30.07
CA SER B 127 5.89 31.33 30.96
C SER B 127 5.40 30.75 32.29
N GLU B 128 4.08 30.67 32.47
CA GLU B 128 3.49 30.07 33.66
C GLU B 128 3.52 28.53 33.59
N ASP B 129 3.37 27.88 34.74
CA ASP B 129 3.29 26.42 34.83
C ASP B 129 2.10 25.91 34.02
N LEU B 130 2.35 24.98 33.09
CA LEU B 130 1.33 24.55 32.16
C LEU B 130 0.69 23.19 32.48
N HIS B 131 1.11 22.58 33.59
CA HIS B 131 0.59 21.28 33.99
C HIS B 131 -0.90 21.28 34.16
N ARG B 132 -1.44 22.38 34.68
CA ARG B 132 -2.88 22.52 34.92
C ARG B 132 -3.74 22.30 33.66
N TYR B 133 -3.18 22.58 32.49
CA TYR B 133 -3.88 22.36 31.22
C TYR B 133 -4.11 20.87 30.89
N LEU B 134 -3.38 20.00 31.57
CA LEU B 134 -3.54 18.56 31.41
C LEU B 134 -4.45 17.94 32.48
N ASP B 135 -4.82 18.74 33.48
CA ASP B 135 -5.65 18.27 34.61
C ASP B 135 -6.96 17.66 34.16
N ASP B 136 -7.73 18.41 33.37
CA ASP B 136 -9.06 17.99 32.95
C ASP B 136 -9.03 17.03 31.78
N LEU B 137 -7.88 16.39 31.58
CA LEU B 137 -7.65 15.51 30.46
C LEU B 137 -7.11 14.15 30.94
N PRO B 138 -7.93 13.41 31.71
CA PRO B 138 -7.42 12.17 32.34
C PRO B 138 -6.86 11.18 31.32
N ALA B 139 -7.47 11.13 30.13
CA ALA B 139 -7.02 10.27 29.04
C ALA B 139 -5.59 10.58 28.62
N TYR B 140 -5.23 11.88 28.58
CA TYR B 140 -3.87 12.29 28.24
C TYR B 140 -2.83 11.64 29.14
N ARG B 141 -3.11 11.65 30.44
CA ARG B 141 -2.20 11.08 31.43
C ARG B 141 -2.13 9.58 31.27
N GLN B 142 -3.23 8.97 30.83
CA GLN B 142 -3.30 7.52 30.66
C GLN B 142 -2.44 7.07 29.48
N ILE B 143 -2.44 7.85 28.40
CA ILE B 143 -1.61 7.58 27.22
C ILE B 143 -0.13 7.90 27.44
N PHE B 144 0.16 9.11 27.94
CA PHE B 144 1.55 9.61 27.97
C PHE B 144 2.32 9.44 29.29
N TYR B 145 1.61 9.34 30.40
CA TYR B 145 2.28 9.19 31.68
C TYR B 145 2.25 7.75 32.14
N ALA B 146 1.53 6.88 31.41
CA ALA B 146 1.40 5.44 31.78
C ALA B 146 1.59 4.42 30.63
N GLU B 147 0.66 4.37 29.68
CA GLU B 147 0.69 3.44 28.53
C GLU B 147 1.95 3.54 27.70
N LEU B 148 2.32 4.77 27.33
CA LEU B 148 3.53 5.00 26.54
C LEU B 148 4.80 4.53 27.27
N PRO B 149 5.10 5.11 28.46
CA PRO B 149 6.29 4.63 29.18
C PRO B 149 6.22 3.17 29.64
N GLU B 150 5.10 2.73 30.19
CA GLU B 150 5.03 1.34 30.69
C GLU B 150 5.37 0.37 29.58
N CYS B 151 4.68 0.53 28.46
CA CYS B 151 4.83 -0.36 27.34
C CYS B 151 6.22 -0.34 26.73
N LEU B 152 6.81 0.86 26.64
CA LEU B 152 8.12 1.00 26.01
C LEU B 152 9.23 0.60 26.96
N ASN B 153 8.99 0.76 28.26
CA ASN B 153 10.01 0.40 29.25
C ASN B 153 10.13 -1.10 29.54
N ALA B 154 9.11 -1.86 29.15
CA ALA B 154 9.13 -3.32 29.25
C ALA B 154 10.27 -3.92 28.43
N LEU B 155 10.59 -3.23 27.33
CA LEU B 155 11.60 -3.70 26.39
C LEU B 155 13.00 -3.88 27.00
N SER B 156 13.23 -3.26 28.16
CA SER B 156 14.48 -3.42 28.89
C SER B 156 14.69 -4.86 29.34
N ALA B 157 13.67 -5.46 29.96
CA ALA B 157 13.74 -6.84 30.44
C ALA B 157 13.28 -7.85 29.39
N ASP B 158 12.46 -7.39 28.44
CA ASP B 158 11.77 -8.26 27.50
C ASP B 158 11.81 -7.66 26.09
N PRO B 159 12.94 -7.84 25.37
CA PRO B 159 13.01 -7.33 24.01
C PRO B 159 12.48 -8.32 22.99
N SER B 160 11.62 -9.23 23.40
CA SER B 160 11.06 -10.20 22.45
C SER B 160 10.32 -9.47 21.31
N PRO B 161 10.14 -10.15 20.15
CA PRO B 161 9.39 -9.57 19.04
C PRO B 161 8.00 -9.03 19.42
N ALA B 162 7.27 -9.76 20.26
CA ALA B 162 5.91 -9.39 20.67
C ALA B 162 5.88 -8.06 21.44
N ALA B 163 6.79 -7.93 22.39
CA ALA B 163 6.95 -6.69 23.15
C ALA B 163 7.33 -5.53 22.22
N GLN B 164 8.17 -5.81 21.22
CA GLN B 164 8.51 -4.82 20.20
C GLN B 164 7.28 -4.35 19.40
N VAL B 165 6.42 -5.31 19.01
CA VAL B 165 5.19 -4.96 18.31
C VAL B 165 4.29 -4.10 19.20
N ARG B 166 4.11 -4.53 20.45
CA ARG B 166 3.32 -3.75 21.43
C ARG B 166 3.86 -2.33 21.64
N ALA B 167 5.19 -2.18 21.65
CA ALA B 167 5.85 -0.88 21.85
C ALA B 167 5.71 0.02 20.66
N SER B 168 5.98 -0.54 19.48
CA SER B 168 5.83 0.19 18.21
C SER B 168 4.38 0.65 17.93
N VAL B 169 3.41 -0.22 18.21
CA VAL B 169 1.98 0.13 18.06
C VAL B 169 1.65 1.32 18.94
N THR B 170 2.10 1.25 20.19
CA THR B 170 1.91 2.33 21.14
C THR B 170 2.53 3.64 20.66
N TYR B 171 3.83 3.60 20.33
CA TYR B 171 4.60 4.78 19.97
C TYR B 171 4.23 5.28 18.57
N ASN B 172 4.58 4.48 17.57
CA ASN B 172 4.54 4.91 16.18
C ASN B 172 3.16 4.91 15.53
N HIS B 173 2.34 3.91 15.85
CA HIS B 173 1.05 3.73 15.19
C HIS B 173 -0.05 4.55 15.81
N ILE B 174 -0.10 4.60 17.14
CA ILE B 174 -1.10 5.39 17.84
C ILE B 174 -0.61 6.83 18.11
N VAL B 175 0.32 6.98 19.04
CA VAL B 175 0.85 8.28 19.49
C VAL B 175 1.26 9.19 18.31
N GLU B 176 2.10 8.68 17.42
CA GLU B 176 2.52 9.44 16.24
C GLU B 176 1.45 9.42 15.13
N GLY B 177 1.20 8.23 14.59
CA GLY B 177 0.28 8.04 13.46
C GLY B 177 -1.19 8.41 13.59
N MET B 178 -1.65 8.64 14.82
CA MET B 178 -3.05 8.91 15.09
C MET B 178 -3.21 10.17 15.95
N LEU B 179 -2.52 10.24 17.08
CA LEU B 179 -2.62 11.42 17.94
C LEU B 179 -1.90 12.66 17.38
N ALA B 180 -0.64 12.52 16.98
CA ALA B 180 0.09 13.66 16.42
C ALA B 180 -0.52 14.15 15.10
N LEU B 181 -0.84 13.21 14.20
CA LEU B 181 -1.52 13.58 12.94
C LEU B 181 -2.85 14.29 13.16
N THR B 182 -3.63 13.85 14.13
CA THR B 182 -4.87 14.56 14.48
C THR B 182 -4.57 15.97 15.05
N GLY B 183 -3.50 16.06 15.83
CA GLY B 183 -3.07 17.33 16.38
C GLY B 183 -2.58 18.33 15.35
N TYR B 184 -1.89 17.84 14.31
CA TYR B 184 -1.42 18.70 13.21
C TYR B 184 -2.61 19.27 12.47
N TYR B 185 -3.60 18.41 12.26
CA TYR B 185 -4.86 18.78 11.65
C TYR B 185 -5.57 19.89 12.44
N ALA B 186 -5.54 19.78 13.77
CA ALA B 186 -6.05 20.84 14.64
C ALA B 186 -5.34 22.16 14.35
N TRP B 187 -4.01 22.12 14.25
CA TRP B 187 -3.23 23.33 13.95
C TRP B 187 -3.58 23.89 12.60
N HIS B 188 -3.76 23.04 11.61
CA HIS B 188 -4.19 23.43 10.28
C HIS B 188 -5.52 24.13 10.34
N LYS B 189 -6.48 23.51 11.03
CA LYS B 189 -7.82 24.08 11.17
C LYS B 189 -7.84 25.40 11.95
N ILE B 190 -6.81 25.64 12.77
CA ILE B 190 -6.70 26.87 13.54
C ILE B 190 -5.94 27.94 12.75
N CYS B 191 -4.80 27.57 12.18
CA CYS B 191 -3.88 28.55 11.61
C CYS B 191 -4.14 28.91 10.15
N VAL B 192 -4.07 27.91 9.26
CA VAL B 192 -4.16 28.12 7.81
C VAL B 192 -5.45 28.84 7.44
N GLU B 193 -6.55 28.37 8.01
CA GLU B 193 -7.88 28.89 7.71
C GLU B 193 -8.05 30.40 7.95
N ARG B 194 -7.40 30.92 8.99
CA ARG B 194 -7.53 32.33 9.36
C ARG B 194 -6.27 33.14 9.06
N ALA B 195 -5.29 32.48 8.43
CA ALA B 195 -3.96 33.05 8.17
C ALA B 195 -3.27 33.66 9.41
N ILE B 196 -3.23 32.88 10.49
CA ILE B 196 -2.56 33.30 11.74
C ILE B 196 -1.41 32.37 12.14
N LEU B 197 -0.57 32.84 13.06
CA LEU B 197 0.55 32.09 13.66
C LEU B 197 1.45 31.38 12.64
N PRO B 198 2.12 32.15 11.76
CA PRO B 198 2.93 31.53 10.68
C PRO B 198 4.12 30.72 11.19
N GLY B 199 4.59 31.04 12.40
CA GLY B 199 5.67 30.28 13.03
C GLY B 199 5.24 28.85 13.30
N MET B 200 4.11 28.73 14.00
CA MET B 200 3.46 27.44 14.27
C MET B 200 3.23 26.60 13.02
N GLN B 201 2.73 27.23 11.96
CA GLN B 201 2.47 26.50 10.72
C GLN B 201 3.76 25.87 10.20
N GLU B 202 4.83 26.66 10.14
CA GLU B 202 6.14 26.18 9.70
C GLU B 202 6.65 25.08 10.64
N LEU B 203 6.54 25.34 11.93
CA LEU B 203 6.88 24.38 12.97
C LEU B 203 6.19 23.03 12.74
N VAL B 204 4.88 23.08 12.49
CA VAL B 204 4.09 21.88 12.24
C VAL B 204 4.46 21.20 10.92
N ARG B 205 4.88 21.95 9.89
CA ARG B 205 5.34 21.31 8.64
C ARG B 205 6.64 20.57 8.90
N ARG B 206 7.57 21.25 9.59
CA ARG B 206 8.90 20.69 9.85
C ARG B 206 8.81 19.42 10.66
N ILE B 207 8.18 19.50 11.84
CA ILE B 207 8.04 18.33 12.72
C ILE B 207 7.21 17.25 12.04
N GLY B 208 6.27 17.69 11.20
CA GLY B 208 5.49 16.80 10.34
C GLY B 208 6.34 15.98 9.40
N ASP B 209 7.36 16.60 8.81
CA ASP B 209 8.30 15.90 7.93
C ASP B 209 9.05 14.80 8.65
N ASP B 210 9.69 15.18 9.76
CA ASP B 210 10.39 14.23 10.61
C ASP B 210 9.51 13.03 10.89
N GLU B 211 8.26 13.30 11.23
CA GLU B 211 7.30 12.30 11.67
C GLU B 211 7.02 11.19 10.66
N ARG B 212 7.08 11.53 9.38
CA ARG B 212 6.90 10.57 8.30
C ARG B 212 7.89 9.42 8.42
N ARG B 213 9.12 9.76 8.78
CA ARG B 213 10.14 8.76 8.94
C ARG B 213 9.97 7.93 10.22
N HIS B 214 9.48 8.56 11.30
CA HIS B 214 9.22 7.83 12.54
C HIS B 214 8.10 6.83 12.37
N MET B 215 7.07 7.24 11.61
CA MET B 215 5.97 6.35 11.26
C MET B 215 6.47 5.23 10.36
N ALA B 216 7.27 5.59 9.36
CA ALA B 216 7.84 4.60 8.45
C ALA B 216 8.67 3.55 9.17
N TRP B 217 9.44 3.97 10.19
CA TRP B 217 10.22 3.05 11.01
C TRP B 217 9.32 2.16 11.81
N GLY B 218 8.19 2.73 12.25
CA GLY B 218 7.19 1.97 13.00
C GLY B 218 6.59 0.85 12.16
N THR B 219 6.29 1.16 10.90
CA THR B 219 5.77 0.18 9.96
C THR B 219 6.79 -0.95 9.75
N PHE B 220 8.04 -0.58 9.52
CA PHE B 220 9.13 -1.51 9.29
C PHE B 220 9.30 -2.46 10.47
N THR B 221 9.33 -1.90 11.67
CA THR B 221 9.49 -2.70 12.89
C THR B 221 8.39 -3.74 13.05
N CYS B 222 7.16 -3.31 12.82
CA CYS B 222 6.03 -4.21 12.91
C CYS B 222 6.00 -5.20 11.75
N ARG B 223 6.21 -4.71 10.53
CA ARG B 223 6.28 -5.58 9.35
C ARG B 223 7.17 -6.82 9.52
N ARG B 224 8.43 -6.59 9.94
CA ARG B 224 9.37 -7.70 10.01
C ARG B 224 9.02 -8.77 11.04
N HIS B 225 8.52 -8.38 12.22
CA HIS B 225 8.08 -9.35 13.23
C HIS B 225 6.90 -10.15 12.77
N VAL B 226 5.97 -9.50 12.06
CA VAL B 226 4.82 -10.18 11.50
C VAL B 226 5.23 -11.12 10.34
N ALA B 227 6.19 -10.68 9.53
CA ALA B 227 6.76 -11.52 8.48
C ALA B 227 7.48 -12.76 9.06
N ALA B 228 8.13 -12.58 10.22
CA ALA B 228 8.89 -13.64 10.89
C ALA B 228 7.97 -14.70 11.50
N ASP B 229 6.95 -14.24 12.22
CA ASP B 229 6.03 -15.10 12.96
C ASP B 229 4.65 -14.46 12.93
N ASP B 230 3.75 -15.08 12.17
CA ASP B 230 2.40 -14.56 11.97
C ASP B 230 1.62 -14.35 13.27
N ALA B 231 2.02 -15.04 14.35
CA ALA B 231 1.45 -14.82 15.69
C ALA B 231 1.48 -13.35 16.12
N ASN B 232 2.45 -12.60 15.58
CA ASN B 232 2.63 -11.18 15.90
C ASN B 232 1.56 -10.28 15.29
N TRP B 233 0.81 -10.81 14.34
CA TRP B 233 -0.32 -10.07 13.78
C TRP B 233 -1.42 -9.90 14.80
N THR B 234 -1.74 -10.96 15.55
CA THR B 234 -2.72 -10.89 16.63
C THR B 234 -2.23 -9.91 17.69
N VAL B 235 -0.93 -9.89 17.94
CA VAL B 235 -0.33 -8.93 18.87
C VAL B 235 -0.55 -7.50 18.36
N PHE B 236 -0.22 -7.27 17.09
CA PHE B 236 -0.42 -5.98 16.47
C PHE B 236 -1.88 -5.49 16.59
N GLU B 237 -2.80 -6.34 16.18
CA GLU B 237 -4.22 -6.05 16.15
C GLU B 237 -4.82 -5.79 17.54
N THR B 238 -4.46 -6.63 18.50
CA THR B 238 -5.00 -6.53 19.86
C THR B 238 -4.65 -5.20 20.53
N ARG B 239 -3.39 -4.78 20.38
CA ARG B 239 -2.91 -3.53 20.96
C ARG B 239 -3.48 -2.27 20.27
N MET B 240 -3.58 -2.32 18.95
CA MET B 240 -4.29 -1.30 18.16
C MET B 240 -5.72 -1.15 18.63
N ASN B 241 -6.37 -2.27 18.93
CA ASN B 241 -7.75 -2.27 19.40
C ASN B 241 -7.89 -1.74 20.82
N GLU B 242 -6.87 -1.95 21.65
CA GLU B 242 -6.86 -1.44 23.02
C GLU B 242 -6.61 0.07 23.07
N LEU B 243 -5.86 0.60 22.11
CA LEU B 243 -5.43 1.99 22.17
C LEU B 243 -6.28 2.96 21.33
N ILE B 244 -6.87 2.50 20.23
CA ILE B 244 -7.78 3.33 19.43
C ILE B 244 -8.85 4.01 20.30
N PRO B 245 -9.60 3.22 21.11
CA PRO B 245 -10.64 3.85 21.93
C PRO B 245 -10.03 4.86 22.91
N LEU B 246 -8.84 4.55 23.42
CA LEU B 246 -8.15 5.43 24.33
C LEU B 246 -7.74 6.76 23.69
N ALA B 247 -7.33 6.70 22.42
CA ALA B 247 -6.96 7.90 21.63
C ALA B 247 -8.16 8.77 21.33
N LEU B 248 -9.28 8.15 20.95
CA LEU B 248 -10.50 8.91 20.65
C LEU B 248 -10.98 9.58 21.91
N ARG B 249 -10.79 8.91 23.05
CA ARG B 249 -11.19 9.46 24.34
C ARG B 249 -10.55 10.82 24.62
N LEU B 250 -9.25 10.93 24.33
CA LEU B 250 -8.50 12.17 24.50
C LEU B 250 -9.17 13.29 23.74
N ILE B 251 -9.37 13.06 22.44
CA ILE B 251 -10.05 14.02 21.58
C ILE B 251 -11.36 14.45 22.21
N GLU B 252 -12.17 13.48 22.63
CA GLU B 252 -13.47 13.73 23.24
C GLU B 252 -13.39 14.58 24.51
N GLU B 253 -12.40 14.30 25.35
CA GLU B 253 -12.22 15.04 26.60
C GLU B 253 -11.79 16.47 26.33
N GLY B 254 -10.94 16.66 25.33
CA GLY B 254 -10.54 17.99 24.90
C GLY B 254 -11.74 18.82 24.46
N PHE B 255 -12.64 18.17 23.73
CA PHE B 255 -13.87 18.80 23.27
C PHE B 255 -14.88 19.06 24.38
N ALA B 256 -14.93 18.17 25.36
CA ALA B 256 -15.87 18.27 26.48
C ALA B 256 -15.67 19.54 27.32
N LEU B 257 -14.42 19.97 27.47
CA LEU B 257 -14.07 21.19 28.20
C LEU B 257 -14.70 22.48 27.62
N TYR B 258 -15.26 22.39 26.42
CA TYR B 258 -15.85 23.56 25.77
C TYR B 258 -17.30 23.30 25.38
N GLY B 259 -17.93 22.37 26.10
CA GLY B 259 -19.34 21.98 25.89
C GLY B 259 -19.58 21.41 24.51
N ASP B 260 -18.54 20.78 23.96
CA ASP B 260 -18.48 20.28 22.57
C ASP B 260 -18.52 21.35 21.47
N GLN B 261 -18.67 22.63 21.86
CA GLN B 261 -18.79 23.77 20.92
C GLN B 261 -17.57 24.70 21.02
N PRO B 262 -16.41 24.23 20.57
CA PRO B 262 -15.14 24.89 20.87
C PRO B 262 -14.83 26.09 19.98
N PRO B 263 -13.78 26.86 20.32
CA PRO B 263 -13.34 27.96 19.47
C PRO B 263 -12.72 27.47 18.16
N PHE B 264 -12.67 28.36 17.16
CA PHE B 264 -12.15 28.06 15.82
C PHE B 264 -13.12 27.21 14.97
N ASP B 265 -14.40 27.26 15.34
CA ASP B 265 -15.48 26.49 14.69
C ASP B 265 -15.17 25.00 14.53
N LEU B 266 -14.41 24.44 15.47
CA LEU B 266 -13.99 23.04 15.38
C LEU B 266 -15.14 22.06 15.65
N SER B 267 -15.18 20.97 14.91
CA SER B 267 -16.25 19.98 15.03
C SER B 267 -15.72 18.69 15.65
N LYS B 268 -16.39 18.23 16.71
CA LYS B 268 -15.98 17.00 17.39
C LYS B 268 -16.06 15.77 16.47
N ASP B 269 -17.20 15.59 15.81
CA ASP B 269 -17.41 14.43 14.93
C ASP B 269 -16.40 14.43 13.79
N ASP B 270 -16.06 15.63 13.30
CA ASP B 270 -15.04 15.82 12.28
C ASP B 270 -13.70 15.23 12.74
N PHE B 271 -13.24 15.71 13.90
CA PHE B 271 -12.00 15.25 14.50
C PHE B 271 -12.01 13.75 14.80
N LEU B 272 -13.16 13.19 15.17
CA LEU B 272 -13.25 11.77 15.48
C LEU B 272 -13.15 10.90 14.22
N GLN B 273 -13.74 11.40 13.12
CA GLN B 273 -13.64 10.71 11.83
C GLN B 273 -12.20 10.79 11.34
N TYR B 274 -11.63 12.00 11.40
CA TYR B 274 -10.25 12.21 10.95
C TYR B 274 -9.30 11.28 11.69
N SER B 275 -9.42 11.23 13.02
CA SER B 275 -8.55 10.42 13.84
C SER B 275 -8.75 8.91 13.63
N THR B 276 -10.00 8.47 13.56
CA THR B 276 -10.30 7.06 13.29
C THR B 276 -9.66 6.65 11.96
N ASP B 277 -9.87 7.49 10.94
CA ASP B 277 -9.27 7.23 9.64
C ASP B 277 -7.78 7.00 9.77
N LYS B 278 -7.10 7.86 10.54
CA LYS B 278 -5.65 7.77 10.73
C LYS B 278 -5.27 6.47 11.45
N GLY B 279 -6.00 6.15 12.52
CA GLY B 279 -5.82 4.89 13.27
C GLY B 279 -6.09 3.63 12.47
N MET B 280 -7.21 3.57 11.77
CA MET B 280 -7.60 2.38 11.01
C MET B 280 -6.66 2.11 9.83
N ARG B 281 -6.20 3.19 9.21
CA ARG B 281 -5.27 3.15 8.08
C ARG B 281 -4.02 2.34 8.42
N ARG B 282 -3.72 2.28 9.72
CA ARG B 282 -2.55 1.59 10.26
C ARG B 282 -2.55 0.08 10.04
N PHE B 283 -3.72 -0.53 10.09
CA PHE B 283 -3.84 -1.98 9.88
C PHE B 283 -3.31 -2.39 8.50
N GLY B 284 -3.55 -1.53 7.50
CA GLY B 284 -3.14 -1.74 6.12
C GLY B 284 -1.64 -1.61 5.87
N THR B 285 -0.93 -0.96 6.80
CA THR B 285 0.52 -0.79 6.68
C THR B 285 1.29 -2.04 7.10
N ILE B 286 0.59 -3.04 7.64
CA ILE B 286 1.28 -4.17 8.27
C ILE B 286 0.85 -5.52 7.70
N SER B 287 -0.38 -5.59 7.20
CA SER B 287 -0.94 -6.88 6.79
C SER B 287 -0.26 -7.50 5.57
N ASN B 288 0.15 -6.69 4.61
CA ASN B 288 0.80 -7.23 3.41
C ASN B 288 2.17 -7.90 3.68
N ALA B 289 2.74 -7.64 4.86
CA ALA B 289 3.97 -8.30 5.29
C ALA B 289 3.73 -9.75 5.72
N ARG B 290 2.46 -10.11 5.92
CA ARG B 290 2.07 -11.47 6.29
C ARG B 290 2.40 -12.46 5.18
N GLY B 291 3.19 -13.47 5.53
CA GLY B 291 3.58 -14.50 4.58
C GLY B 291 4.85 -14.18 3.80
N ARG B 292 5.23 -12.90 3.79
CA ARG B 292 6.41 -12.45 3.06
C ARG B 292 7.74 -12.84 3.75
N PRO B 293 8.85 -12.91 2.97
CA PRO B 293 10.15 -13.25 3.56
C PRO B 293 10.75 -12.11 4.38
N VAL B 294 11.42 -12.47 5.48
CA VAL B 294 12.10 -11.50 6.35
C VAL B 294 13.20 -10.73 5.59
N ALA B 295 14.05 -11.46 4.87
CA ALA B 295 15.17 -10.88 4.11
C ALA B 295 14.71 -9.75 3.18
N GLU B 296 13.52 -9.89 2.59
CA GLU B 296 12.93 -8.85 1.75
C GLU B 296 12.65 -7.57 2.54
N ILE B 297 12.07 -7.74 3.74
CA ILE B 297 11.67 -6.61 4.57
C ILE B 297 12.85 -5.69 4.91
N ASP B 298 14.01 -6.27 5.24
CA ASP B 298 15.22 -5.47 5.53
C ASP B 298 15.47 -4.39 4.49
N VAL B 299 15.40 -4.78 3.23
CA VAL B 299 15.77 -3.93 2.08
C VAL B 299 14.58 -3.18 1.48
N ASP B 300 13.36 -3.54 1.89
CA ASP B 300 12.14 -2.91 1.36
C ASP B 300 11.93 -1.48 1.90
N TYR B 301 11.82 -0.52 0.98
CA TYR B 301 11.69 0.91 1.30
C TYR B 301 10.23 1.39 1.33
N SER B 302 9.29 0.49 1.02
CA SER B 302 7.88 0.88 0.90
C SER B 302 7.26 1.49 2.17
N PRO B 303 7.75 1.12 3.37
CA PRO B 303 7.22 1.79 4.56
C PRO B 303 7.41 3.30 4.52
N ALA B 304 8.54 3.75 3.98
CA ALA B 304 8.77 5.18 3.78
C ALA B 304 7.92 5.71 2.62
N GLN B 305 7.86 4.93 1.55
CA GLN B 305 7.10 5.32 0.37
C GLN B 305 5.63 5.52 0.74
N LEU B 306 5.07 4.53 1.45
CA LEU B 306 3.66 4.53 1.88
C LEU B 306 3.30 5.77 2.68
N GLU B 307 4.20 6.15 3.59
CA GLU B 307 4.04 7.34 4.40
C GLU B 307 4.07 8.64 3.58
N ASP B 308 4.78 8.62 2.44
CA ASP B 308 4.78 9.73 1.48
C ASP B 308 3.43 9.84 0.80
N THR B 309 3.01 8.73 0.19
CA THR B 309 1.70 8.66 -0.46
C THR B 309 0.50 8.92 0.50
N PHE B 310 0.65 8.62 1.80
CA PHE B 310 -0.34 9.01 2.82
C PHE B 310 -0.43 10.52 3.01
N ALA B 311 0.73 11.18 3.14
CA ALA B 311 0.78 12.61 3.42
C ALA B 311 0.28 13.42 2.25
N ASP B 312 0.59 12.93 1.04
CA ASP B 312 0.09 13.49 -0.22
C ASP B 312 -1.43 13.41 -0.21
N GLU B 313 -1.93 12.22 0.11
CA GLU B 313 -3.36 11.94 0.16
C GLU B 313 -4.09 12.91 1.11
N ASP B 314 -3.43 13.28 2.20
CA ASP B 314 -4.06 14.11 3.22
C ASP B 314 -4.09 15.59 2.88
N ARG B 315 -3.06 16.08 2.19
CA ARG B 315 -3.03 17.44 1.62
C ARG B 315 -4.17 17.63 0.63
N ARG B 316 -4.41 16.60 -0.19
CA ARG B 316 -5.48 16.60 -1.18
C ARG B 316 -6.84 16.67 -0.50
N THR B 317 -6.97 15.97 0.62
CA THR B 317 -8.22 15.98 1.38
C THR B 317 -8.49 17.40 1.89
N LEU B 318 -7.48 18.02 2.50
CA LEU B 318 -7.58 19.40 2.98
C LEU B 318 -7.94 20.40 1.87
N ALA B 319 -7.63 20.05 0.62
CA ALA B 319 -7.97 20.89 -0.54
C ALA B 319 -9.07 20.27 -1.40
N THR C 11 -10.54 -10.38 -40.44
CA THR C 11 -9.93 -9.28 -39.62
C THR C 11 -8.98 -9.82 -38.52
N ARG C 12 -9.16 -11.09 -38.12
CA ARG C 12 -8.29 -11.74 -37.13
C ARG C 12 -7.19 -12.55 -37.83
N THR C 13 -5.98 -12.47 -37.31
CA THR C 13 -4.82 -13.20 -37.88
C THR C 13 -4.20 -14.26 -36.95
N ARG C 14 -4.59 -14.25 -35.67
CA ARG C 14 -3.96 -15.09 -34.62
C ARG C 14 -4.85 -15.30 -33.38
N SER C 15 -4.49 -16.29 -32.55
CA SER C 15 -5.25 -16.63 -31.34
C SER C 15 -4.36 -16.63 -30.11
N GLY C 16 -4.69 -15.79 -29.14
CA GLY C 16 -3.93 -15.69 -27.90
C GLY C 16 -3.82 -16.99 -27.10
N SER C 17 -4.85 -17.83 -27.17
CA SER C 17 -4.89 -19.07 -26.40
C SER C 17 -4.10 -20.22 -27.05
N LEU C 18 -3.62 -19.99 -28.28
CA LEU C 18 -2.77 -20.94 -29.01
C LEU C 18 -1.27 -20.59 -28.90
N ALA C 19 -0.97 -19.50 -28.19
CA ALA C 19 0.40 -19.02 -28.07
C ALA C 19 1.21 -19.90 -27.13
N ALA C 20 2.52 -19.85 -27.28
CA ALA C 20 3.46 -20.59 -26.41
C ALA C 20 3.27 -20.23 -24.94
N GLY C 21 3.26 -21.24 -24.08
CA GLY C 21 2.97 -21.06 -22.66
C GLY C 21 1.49 -20.87 -22.39
N GLY C 22 0.74 -20.52 -23.43
CA GLY C 22 -0.70 -20.31 -23.35
C GLY C 22 -1.09 -19.05 -22.60
N LEU C 23 -2.09 -19.18 -21.74
CA LEU C 23 -2.57 -18.07 -20.93
C LEU C 23 -1.75 -17.92 -19.64
N ASN C 24 -1.39 -16.68 -19.32
CA ASN C 24 -0.56 -16.39 -18.14
C ASN C 24 -1.38 -16.26 -16.86
N TRP C 25 -1.49 -17.37 -16.12
CA TRP C 25 -2.34 -17.44 -14.93
C TRP C 25 -1.94 -16.54 -13.78
N ALA C 26 -0.75 -15.96 -13.88
CA ALA C 26 -0.24 -15.04 -12.87
C ALA C 26 -0.72 -13.60 -13.10
N SER C 27 -1.18 -13.31 -14.32
CA SER C 27 -1.54 -11.94 -14.71
C SER C 27 -2.71 -11.44 -13.88
N LEU C 28 -2.65 -10.16 -13.49
CA LEU C 28 -3.66 -9.54 -12.63
C LEU C 28 -5.12 -9.75 -13.10
N PRO C 29 -5.43 -9.46 -14.38
CA PRO C 29 -6.81 -9.64 -14.87
C PRO C 29 -7.33 -11.10 -14.87
N LEU C 30 -6.44 -12.08 -15.05
CA LEU C 30 -6.83 -13.49 -14.98
C LEU C 30 -7.02 -13.97 -13.54
N LYS C 31 -6.22 -13.40 -12.63
CA LYS C 31 -6.35 -13.67 -11.19
C LYS C 31 -7.71 -13.22 -10.71
N LEU C 32 -8.10 -12.00 -11.08
CA LEU C 32 -9.44 -11.49 -10.79
C LEU C 32 -10.54 -12.39 -11.38
N PHE C 33 -10.35 -12.84 -12.63
CA PHE C 33 -11.29 -13.72 -13.31
C PHE C 33 -11.48 -15.04 -12.56
N ALA C 34 -10.36 -15.68 -12.23
CA ALA C 34 -10.38 -16.91 -11.43
C ALA C 34 -11.12 -16.70 -10.09
N GLY C 35 -10.83 -15.57 -9.44
CA GLY C 35 -11.47 -15.20 -8.18
C GLY C 35 -12.97 -14.91 -8.27
N GLY C 36 -13.41 -14.33 -9.38
CA GLY C 36 -14.84 -14.15 -9.63
C GLY C 36 -15.60 -15.46 -9.80
N ASN C 37 -14.93 -16.47 -10.37
CA ASN C 37 -15.52 -17.80 -10.51
C ASN C 37 -15.68 -18.48 -9.14
N ALA C 38 -14.64 -18.40 -8.32
CA ALA C 38 -14.68 -18.99 -6.98
C ALA C 38 -15.69 -18.28 -6.04
N LYS C 39 -15.92 -16.98 -6.28
CA LYS C 39 -16.80 -16.18 -5.41
C LYS C 39 -18.22 -15.98 -5.94
N PHE C 40 -18.54 -16.68 -7.03
CA PHE C 40 -19.85 -16.55 -7.68
C PHE C 40 -21.02 -16.84 -6.75
N TRP C 41 -22.05 -15.99 -6.81
CA TRP C 41 -23.26 -16.14 -6.01
C TRP C 41 -24.53 -16.06 -6.82
N HIS C 42 -25.57 -16.73 -6.33
CA HIS C 42 -26.87 -16.80 -7.00
C HIS C 42 -27.83 -15.84 -6.36
N PRO C 43 -28.53 -15.03 -7.15
CA PRO C 43 -29.55 -14.14 -6.60
C PRO C 43 -30.74 -14.89 -5.98
N ALA C 44 -31.06 -16.05 -6.53
CA ALA C 44 -32.14 -16.90 -6.01
C ALA C 44 -31.87 -17.38 -4.58
N ASP C 45 -30.61 -17.36 -4.17
CA ASP C 45 -30.20 -17.77 -2.82
C ASP C 45 -30.45 -16.69 -1.76
N ILE C 46 -30.78 -15.48 -2.18
CA ILE C 46 -31.08 -14.41 -1.22
C ILE C 46 -32.54 -14.42 -0.82
N ASP C 47 -32.78 -14.67 0.46
CA ASP C 47 -34.11 -14.61 1.07
C ASP C 47 -34.64 -13.17 1.09
N PHE C 48 -35.69 -12.92 0.30
CA PHE C 48 -36.33 -11.59 0.26
C PHE C 48 -37.65 -11.57 1.02
N THR C 49 -38.04 -12.73 1.54
CA THR C 49 -39.38 -12.92 2.11
C THR C 49 -39.63 -12.21 3.44
N ARG C 50 -38.60 -11.56 4.00
CA ARG C 50 -38.71 -10.87 5.28
C ARG C 50 -38.76 -9.35 5.13
N ASP C 51 -38.22 -8.86 4.02
CA ASP C 51 -38.00 -7.42 3.80
C ASP C 51 -39.26 -6.56 3.59
N ARG C 52 -40.35 -7.17 3.14
CA ARG C 52 -41.60 -6.42 2.96
C ARG C 52 -42.28 -6.14 4.30
N ALA C 53 -42.15 -7.06 5.24
CA ALA C 53 -42.66 -6.87 6.61
C ALA C 53 -42.02 -5.66 7.29
N ASP C 54 -40.69 -5.55 7.15
CA ASP C 54 -39.92 -4.40 7.63
C ASP C 54 -40.31 -3.13 6.88
N TRP C 55 -40.40 -3.24 5.55
CA TRP C 55 -40.64 -2.11 4.65
C TRP C 55 -41.89 -1.34 4.96
N GLU C 56 -42.93 -2.05 5.40
CA GLU C 56 -44.21 -1.43 5.74
C GLU C 56 -44.25 -0.73 7.10
N LYS C 57 -43.38 -1.13 8.01
CA LYS C 57 -43.30 -0.52 9.34
C LYS C 57 -42.53 0.82 9.34
N LEU C 58 -42.06 1.25 8.17
CA LEU C 58 -41.36 2.52 8.01
C LEU C 58 -42.34 3.65 7.72
N SER C 59 -41.90 4.89 7.96
CA SER C 59 -42.72 6.07 7.65
C SER C 59 -42.68 6.40 6.15
N ASP C 60 -43.55 7.31 5.73
CA ASP C 60 -43.61 7.76 4.34
C ASP C 60 -42.30 8.42 3.90
N ASP C 61 -41.60 9.03 4.86
CA ASP C 61 -40.32 9.71 4.60
C ASP C 61 -39.12 8.76 4.57
N GLU C 62 -39.15 7.73 5.41
CA GLU C 62 -38.09 6.73 5.42
C GLU C 62 -38.06 5.95 4.10
N ARG C 63 -39.24 5.58 3.60
CA ARG C 63 -39.38 4.86 2.33
C ARG C 63 -39.01 5.73 1.11
N ASP C 64 -39.23 7.02 1.22
CA ASP C 64 -38.84 7.96 0.18
C ASP C 64 -37.33 7.92 -0.03
N TYR C 65 -36.57 8.01 1.05
CA TYR C 65 -35.11 8.01 0.95
C TYR C 65 -34.57 6.70 0.41
N ALA C 66 -35.11 5.58 0.91
CA ALA C 66 -34.63 4.25 0.55
C ALA C 66 -34.98 3.88 -0.90
N THR C 67 -36.14 4.33 -1.36
CA THR C 67 -36.53 4.16 -2.76
C THR C 67 -35.61 5.00 -3.66
N ARG C 68 -35.26 6.19 -3.18
CA ARG C 68 -34.41 7.11 -3.93
C ARG C 68 -32.96 6.61 -4.03
N LEU C 69 -32.50 5.91 -2.99
CA LEU C 69 -31.16 5.35 -2.98
C LEU C 69 -31.11 4.13 -3.88
N CYS C 70 -32.10 3.25 -3.74
CA CYS C 70 -32.22 2.06 -4.60
C CYS C 70 -32.35 2.44 -6.07
N THR C 71 -33.06 3.53 -6.34
CA THR C 71 -33.24 4.02 -7.69
C THR C 71 -31.91 4.48 -8.28
N GLN C 72 -31.13 5.20 -7.47
CA GLN C 72 -29.81 5.63 -7.91
C GLN C 72 -28.88 4.45 -8.13
N PHE C 73 -29.06 3.40 -7.34
CA PHE C 73 -28.24 2.21 -7.44
C PHE C 73 -28.53 1.41 -8.71
N ILE C 74 -29.79 0.97 -8.85
CA ILE C 74 -30.20 0.16 -10.00
C ILE C 74 -30.02 0.89 -11.33
N ALA C 75 -30.24 2.20 -11.35
CA ALA C 75 -29.98 2.99 -12.55
C ALA C 75 -28.48 3.09 -12.83
N GLY C 76 -27.68 3.18 -11.77
CA GLY C 76 -26.22 3.20 -11.88
C GLY C 76 -25.67 1.84 -12.26
N GLU C 77 -26.27 0.78 -11.71
CA GLU C 77 -25.89 -0.60 -12.07
C GLU C 77 -26.15 -0.86 -13.54
N GLU C 78 -27.31 -0.42 -14.02
CA GLU C 78 -27.67 -0.56 -15.44
C GLU C 78 -26.68 0.20 -16.33
N ALA C 79 -26.33 1.41 -15.91
CA ALA C 79 -25.39 2.26 -16.65
C ALA C 79 -24.04 1.60 -16.85
N VAL C 80 -23.56 0.91 -15.81
CA VAL C 80 -22.25 0.30 -15.89
C VAL C 80 -22.25 -0.99 -16.73
N THR C 81 -23.35 -1.75 -16.68
CA THR C 81 -23.55 -2.94 -17.52
C THR C 81 -23.44 -2.58 -18.99
N GLU C 82 -24.00 -1.41 -19.33
CA GLU C 82 -23.98 -0.87 -20.69
C GLU C 82 -22.65 -0.19 -21.05
N ASP C 83 -22.13 0.62 -20.14
CA ASP C 83 -21.02 1.51 -20.48
C ASP C 83 -19.65 0.85 -20.39
N ILE C 84 -19.61 -0.39 -19.94
CA ILE C 84 -18.36 -1.14 -19.94
C ILE C 84 -18.00 -1.72 -21.32
N GLN C 85 -19.00 -1.95 -22.19
CA GLN C 85 -18.75 -2.59 -23.50
C GLN C 85 -17.63 -1.92 -24.30
N PRO C 86 -17.59 -0.57 -24.35
CA PRO C 86 -16.49 0.05 -25.09
C PRO C 86 -15.10 -0.33 -24.57
N PHE C 87 -14.96 -0.58 -23.27
CA PHE C 87 -13.66 -0.95 -22.71
C PHE C 87 -13.28 -2.36 -23.17
N MET C 88 -14.28 -3.23 -23.21
CA MET C 88 -14.16 -4.58 -23.75
C MET C 88 -13.69 -4.51 -25.21
N SER C 89 -14.36 -3.65 -25.99
CA SER C 89 -14.00 -3.37 -27.38
C SER C 89 -12.56 -2.86 -27.54
N ALA C 90 -12.16 -1.94 -26.66
CA ALA C 90 -10.80 -1.39 -26.66
C ALA C 90 -9.75 -2.47 -26.44
N MET C 91 -10.02 -3.37 -25.49
CA MET C 91 -9.14 -4.52 -25.20
C MET C 91 -9.06 -5.48 -26.38
N ARG C 92 -10.16 -5.69 -27.07
CA ARG C 92 -10.17 -6.54 -28.24
C ARG C 92 -9.31 -5.95 -29.29
N ALA C 93 -9.44 -4.66 -29.47
CA ALA C 93 -8.61 -3.93 -30.43
C ALA C 93 -7.13 -3.96 -30.05
N GLU C 94 -6.85 -3.75 -28.76
CA GLU C 94 -5.48 -3.72 -28.24
C GLU C 94 -4.85 -5.13 -28.15
N GLY C 95 -5.66 -6.16 -28.36
CA GLY C 95 -5.16 -7.55 -28.35
C GLY C 95 -4.91 -8.15 -26.97
N ARG C 96 -5.47 -7.55 -25.93
CA ARG C 96 -5.26 -7.98 -24.56
C ARG C 96 -6.32 -9.01 -24.15
N LEU C 97 -6.06 -10.29 -24.45
CA LEU C 97 -7.03 -11.35 -24.20
C LEU C 97 -7.41 -11.49 -22.72
N ALA C 98 -6.42 -11.53 -21.83
CA ALA C 98 -6.69 -11.63 -20.39
C ALA C 98 -7.62 -10.53 -19.85
N ASP C 99 -7.35 -9.29 -20.21
CA ASP C 99 -8.20 -8.18 -19.80
C ASP C 99 -9.60 -8.32 -20.38
N GLU C 100 -9.67 -8.87 -21.58
CA GLU C 100 -10.91 -8.98 -22.31
C GLU C 100 -11.84 -9.99 -21.64
N MET C 101 -11.29 -11.18 -21.37
CA MET C 101 -11.97 -12.25 -20.64
C MET C 101 -12.52 -11.77 -19.31
N TYR C 102 -11.69 -11.07 -18.53
CA TYR C 102 -12.13 -10.55 -17.24
C TYR C 102 -13.30 -9.59 -17.41
N LEU C 103 -13.23 -8.71 -18.40
CA LEU C 103 -14.29 -7.73 -18.62
C LEU C 103 -15.65 -8.34 -18.97
N THR C 104 -15.64 -9.53 -19.58
CA THR C 104 -16.88 -10.31 -19.76
C THR C 104 -17.55 -10.63 -18.41
N GLN C 105 -16.75 -11.14 -17.47
CA GLN C 105 -17.19 -11.42 -16.11
C GLN C 105 -17.66 -10.14 -15.40
N PHE C 106 -16.88 -9.07 -15.59
CA PHE C 106 -17.20 -7.72 -15.13
C PHE C 106 -18.60 -7.35 -15.59
N ALA C 107 -18.81 -7.32 -16.92
CA ALA C 107 -20.11 -6.98 -17.51
C ALA C 107 -21.24 -7.89 -17.00
N PHE C 108 -20.98 -9.21 -16.98
CA PHE C 108 -21.97 -10.14 -16.45
C PHE C 108 -22.33 -9.83 -15.00
N GLU C 109 -21.32 -9.55 -14.17
CA GLU C 109 -21.57 -9.19 -12.77
C GLU C 109 -22.47 -7.96 -12.61
N GLU C 110 -22.29 -6.97 -13.47
CA GLU C 110 -23.11 -5.77 -13.41
C GLU C 110 -24.57 -6.05 -13.77
N ALA C 111 -24.77 -6.92 -14.76
CA ALA C 111 -26.11 -7.38 -15.11
C ALA C 111 -26.77 -8.05 -13.90
N LYS C 112 -26.01 -8.90 -13.21
CA LYS C 112 -26.50 -9.62 -12.04
C LYS C 112 -26.86 -8.70 -10.86
N HIS C 113 -26.19 -7.55 -10.77
CA HIS C 113 -26.51 -6.55 -9.75
C HIS C 113 -27.78 -5.85 -10.11
N THR C 114 -27.91 -5.51 -11.39
CA THR C 114 -29.13 -4.93 -11.92
C THR C 114 -30.31 -5.87 -11.68
N GLN C 115 -30.08 -7.17 -11.89
CA GLN C 115 -31.11 -8.17 -11.64
C GLN C 115 -31.57 -8.17 -10.18
N VAL C 116 -30.60 -8.20 -9.27
CA VAL C 116 -30.86 -8.39 -7.85
C VAL C 116 -31.51 -7.19 -7.16
N PHE C 117 -31.15 -5.97 -7.58
CA PHE C 117 -31.82 -4.76 -7.10
C PHE C 117 -33.29 -4.69 -7.56
N ARG C 118 -33.54 -5.22 -8.75
CA ARG C 118 -34.89 -5.32 -9.32
C ARG C 118 -35.69 -6.35 -8.55
N MET C 119 -35.01 -7.40 -8.11
CA MET C 119 -35.65 -8.42 -7.29
C MET C 119 -36.03 -7.89 -5.92
N TRP C 120 -35.26 -6.94 -5.39
CA TRP C 120 -35.59 -6.32 -4.11
C TRP C 120 -36.77 -5.40 -4.22
N LEU C 121 -36.78 -4.58 -5.27
CA LEU C 121 -37.90 -3.68 -5.53
C LEU C 121 -39.23 -4.46 -5.67
N ASP C 122 -39.16 -5.61 -6.36
CA ASP C 122 -40.32 -6.48 -6.55
C ASP C 122 -40.76 -7.11 -5.22
N ALA C 123 -39.80 -7.50 -4.39
CA ALA C 123 -40.08 -8.10 -3.08
C ALA C 123 -40.73 -7.11 -2.08
N VAL C 124 -40.40 -5.83 -2.20
CA VAL C 124 -41.03 -4.80 -1.37
C VAL C 124 -42.28 -4.18 -2.04
N GLY C 125 -42.57 -4.63 -3.25
CA GLY C 125 -43.80 -4.28 -3.95
C GLY C 125 -43.81 -2.94 -4.68
N ILE C 126 -42.64 -2.46 -5.09
CA ILE C 126 -42.57 -1.22 -5.86
C ILE C 126 -42.63 -1.54 -7.35
N SER C 127 -43.70 -1.10 -8.00
CA SER C 127 -43.89 -1.39 -9.43
C SER C 127 -44.10 -0.14 -10.30
N GLU C 128 -44.25 1.02 -9.65
CA GLU C 128 -44.37 2.29 -10.36
C GLU C 128 -43.08 2.69 -11.08
N ASP C 129 -43.22 3.53 -12.11
CA ASP C 129 -42.07 4.13 -12.79
C ASP C 129 -41.27 5.00 -11.82
N LEU C 130 -39.94 4.84 -11.85
CA LEU C 130 -39.08 5.43 -10.84
C LEU C 130 -38.19 6.59 -11.31
N HIS C 131 -38.35 7.01 -12.56
CA HIS C 131 -37.54 8.09 -13.13
C HIS C 131 -37.65 9.38 -12.36
N ARG C 132 -38.80 9.57 -11.71
CA ARG C 132 -39.07 10.80 -10.95
C ARG C 132 -38.19 10.99 -9.70
N TYR C 133 -37.62 9.89 -9.20
CA TYR C 133 -36.70 9.95 -8.05
C TYR C 133 -35.30 10.45 -8.41
N LEU C 134 -35.01 10.50 -9.71
CA LEU C 134 -33.75 11.02 -10.21
C LEU C 134 -33.91 12.45 -10.73
N ASP C 135 -35.16 12.92 -10.73
CA ASP C 135 -35.50 14.24 -11.25
C ASP C 135 -34.90 15.38 -10.45
N ASP C 136 -35.00 15.29 -9.12
CA ASP C 136 -34.40 16.28 -8.23
C ASP C 136 -32.89 16.06 -8.01
N LEU C 137 -32.26 15.29 -8.89
CA LEU C 137 -30.84 14.95 -8.74
C LEU C 137 -30.08 15.21 -10.04
N PRO C 138 -29.97 16.49 -10.46
CA PRO C 138 -29.29 16.82 -11.71
C PRO C 138 -27.83 16.34 -11.77
N ALA C 139 -27.21 16.24 -10.61
CA ALA C 139 -25.83 15.75 -10.54
C ALA C 139 -25.74 14.25 -10.81
N TYR C 140 -26.74 13.49 -10.36
CA TYR C 140 -26.82 12.07 -10.66
C TYR C 140 -26.82 11.83 -12.17
N ARG C 141 -27.67 12.56 -12.87
CA ARG C 141 -27.81 12.40 -14.31
C ARG C 141 -26.58 12.88 -15.07
N GLN C 142 -25.90 13.89 -14.54
CA GLN C 142 -24.65 14.35 -15.12
C GLN C 142 -23.58 13.28 -15.13
N ILE C 143 -23.54 12.47 -14.07
CA ILE C 143 -22.57 11.38 -13.95
C ILE C 143 -22.99 10.17 -14.78
N PHE C 144 -24.25 9.75 -14.62
CA PHE C 144 -24.69 8.48 -15.19
C PHE C 144 -25.30 8.51 -16.59
N TYR C 145 -25.89 9.64 -16.98
CA TYR C 145 -26.45 9.77 -18.33
C TYR C 145 -25.51 10.53 -19.26
N ALA C 146 -24.55 11.25 -18.68
CA ALA C 146 -23.63 12.10 -19.45
C ALA C 146 -22.16 11.71 -19.33
N GLU C 147 -21.54 11.97 -18.18
CA GLU C 147 -20.10 11.75 -17.97
C GLU C 147 -19.62 10.31 -18.15
N LEU C 148 -20.33 9.35 -17.54
CA LEU C 148 -19.96 7.93 -17.62
C LEU C 148 -19.97 7.40 -19.07
N PRO C 149 -21.10 7.52 -19.79
CA PRO C 149 -21.11 6.97 -21.15
C PRO C 149 -20.28 7.73 -22.19
N GLU C 150 -20.23 9.06 -22.10
CA GLU C 150 -19.47 9.85 -23.07
C GLU C 150 -17.98 9.62 -22.94
N CYS C 151 -17.50 9.51 -21.71
CA CYS C 151 -16.09 9.22 -21.48
C CYS C 151 -15.73 7.80 -21.92
N LEU C 152 -16.62 6.86 -21.64
CA LEU C 152 -16.36 5.46 -21.96
C LEU C 152 -16.54 5.16 -23.44
N ASN C 153 -17.56 5.75 -24.06
CA ASN C 153 -17.81 5.56 -25.48
C ASN C 153 -16.75 6.18 -26.38
N ALA C 154 -16.07 7.20 -25.84
CA ALA C 154 -14.92 7.80 -26.52
C ALA C 154 -13.81 6.77 -26.80
N LEU C 155 -13.84 5.66 -26.07
CA LEU C 155 -12.87 4.57 -26.25
C LEU C 155 -13.03 3.82 -27.57
N SER C 156 -14.23 3.87 -28.14
CA SER C 156 -14.51 3.25 -29.43
C SER C 156 -13.79 3.97 -30.57
N ALA C 157 -13.70 5.29 -30.46
CA ALA C 157 -12.94 6.13 -31.40
C ALA C 157 -11.45 6.18 -31.05
N ASP C 158 -11.14 6.22 -29.74
CA ASP C 158 -9.79 6.52 -29.27
C ASP C 158 -9.33 5.58 -28.14
N PRO C 159 -8.93 4.34 -28.47
CA PRO C 159 -8.48 3.45 -27.40
C PRO C 159 -7.07 3.81 -26.89
N SER C 160 -6.75 5.10 -26.87
CA SER C 160 -5.43 5.60 -26.45
C SER C 160 -5.23 5.37 -24.97
N PRO C 161 -3.96 5.20 -24.53
CA PRO C 161 -3.68 5.08 -23.10
C PRO C 161 -4.32 6.19 -22.27
N ALA C 162 -4.28 7.42 -22.77
CA ALA C 162 -4.86 8.58 -22.07
C ALA C 162 -6.38 8.43 -21.86
N ALA C 163 -7.07 7.94 -22.89
CA ALA C 163 -8.51 7.75 -22.81
C ALA C 163 -8.91 6.59 -21.89
N GLN C 164 -8.13 5.51 -21.89
CA GLN C 164 -8.37 4.37 -21.02
C GLN C 164 -8.29 4.76 -19.55
N VAL C 165 -7.36 5.67 -19.23
CA VAL C 165 -7.21 6.18 -17.86
C VAL C 165 -8.42 7.02 -17.51
N ARG C 166 -8.75 7.98 -18.37
CA ARG C 166 -9.90 8.83 -18.15
C ARG C 166 -11.18 7.99 -17.96
N ALA C 167 -11.32 6.94 -18.76
CA ALA C 167 -12.46 6.02 -18.66
C ALA C 167 -12.42 5.22 -17.34
N SER C 168 -11.26 4.68 -17.01
CA SER C 168 -11.07 3.91 -15.77
C SER C 168 -11.32 4.78 -14.53
N VAL C 169 -10.78 6.00 -14.54
CA VAL C 169 -10.99 6.94 -13.43
C VAL C 169 -12.50 7.10 -13.22
N THR C 170 -13.20 7.46 -14.29
CA THR C 170 -14.65 7.67 -14.28
C THR C 170 -15.46 6.46 -13.79
N TYR C 171 -15.17 5.29 -14.36
CA TYR C 171 -15.94 4.10 -14.06
C TYR C 171 -15.53 3.53 -12.71
N ASN C 172 -14.26 3.12 -12.63
CA ASN C 172 -13.75 2.32 -11.52
C ASN C 172 -13.48 3.08 -10.23
N HIS C 173 -12.85 4.24 -10.35
CA HIS C 173 -12.38 4.99 -9.20
C HIS C 173 -13.44 5.89 -8.61
N ILE C 174 -14.31 6.45 -9.45
CA ILE C 174 -15.32 7.40 -8.97
C ILE C 174 -16.69 6.73 -8.79
N VAL C 175 -17.25 6.16 -9.87
CA VAL C 175 -18.55 5.48 -9.79
C VAL C 175 -18.51 4.33 -8.79
N GLU C 176 -17.51 3.46 -8.91
CA GLU C 176 -17.38 2.29 -8.02
C GLU C 176 -16.62 2.61 -6.74
N GLY C 177 -15.42 3.19 -6.90
CA GLY C 177 -14.50 3.48 -5.78
C GLY C 177 -14.98 4.52 -4.77
N MET C 178 -15.77 5.49 -5.24
CA MET C 178 -16.23 6.59 -4.40
C MET C 178 -17.74 6.61 -4.16
N LEU C 179 -18.52 6.53 -5.23
CA LEU C 179 -19.97 6.66 -5.12
C LEU C 179 -20.70 5.40 -4.63
N ALA C 180 -20.25 4.24 -5.06
CA ALA C 180 -20.88 2.97 -4.68
C ALA C 180 -20.62 2.64 -3.21
N LEU C 181 -19.37 2.81 -2.78
CA LEU C 181 -18.98 2.63 -1.41
C LEU C 181 -19.75 3.57 -0.51
N THR C 182 -19.93 4.81 -0.95
CA THR C 182 -20.76 5.78 -0.24
C THR C 182 -22.21 5.25 -0.18
N GLY C 183 -22.68 4.73 -1.32
CA GLY C 183 -23.99 4.10 -1.40
C GLY C 183 -24.18 2.96 -0.43
N TYR C 184 -23.18 2.08 -0.34
CA TYR C 184 -23.22 0.95 0.60
C TYR C 184 -23.25 1.42 2.05
N TYR C 185 -22.44 2.43 2.36
CA TYR C 185 -22.42 3.05 3.70
C TYR C 185 -23.82 3.56 4.07
N ALA C 186 -24.51 4.16 3.11
CA ALA C 186 -25.91 4.53 3.29
C ALA C 186 -26.83 3.33 3.62
N TRP C 187 -26.63 2.19 2.97
CA TRP C 187 -27.40 0.97 3.27
C TRP C 187 -27.02 0.35 4.58
N HIS C 188 -25.78 0.58 5.01
CA HIS C 188 -25.34 0.09 6.32
C HIS C 188 -26.05 0.86 7.39
N LYS C 189 -26.04 2.20 7.26
CA LYS C 189 -26.72 3.09 8.20
C LYS C 189 -28.23 2.83 8.27
N ILE C 190 -28.84 2.48 7.14
CA ILE C 190 -30.27 2.21 7.05
C ILE C 190 -30.64 0.82 7.59
N CYS C 191 -29.95 -0.21 7.14
CA CYS C 191 -30.34 -1.59 7.45
C CYS C 191 -29.74 -2.17 8.71
N VAL C 192 -28.42 -2.01 8.90
CA VAL C 192 -27.71 -2.70 9.97
C VAL C 192 -28.03 -2.07 11.32
N GLU C 193 -28.02 -0.75 11.35
CA GLU C 193 -28.27 -0.01 12.59
C GLU C 193 -29.68 -0.22 13.12
N ARG C 194 -30.66 -0.34 12.23
CA ARG C 194 -32.06 -0.45 12.63
C ARG C 194 -32.56 -1.90 12.61
N ALA C 195 -31.63 -2.84 12.42
CA ALA C 195 -31.92 -4.28 12.32
C ALA C 195 -33.11 -4.60 11.39
N ILE C 196 -33.10 -3.99 10.20
CA ILE C 196 -34.12 -4.24 9.20
C ILE C 196 -33.56 -4.78 7.88
N LEU C 197 -34.45 -5.10 6.95
CA LEU C 197 -34.14 -5.47 5.56
C LEU C 197 -32.96 -6.43 5.42
N PRO C 198 -33.11 -7.67 5.93
CA PRO C 198 -32.01 -8.65 5.87
C PRO C 198 -31.61 -9.03 4.43
N GLY C 199 -32.54 -8.94 3.50
CA GLY C 199 -32.28 -9.24 2.09
C GLY C 199 -31.36 -8.21 1.49
N MET C 200 -31.80 -6.96 1.52
CA MET C 200 -31.00 -5.83 1.05
C MET C 200 -29.58 -5.88 1.63
N GLN C 201 -29.46 -6.27 2.89
CA GLN C 201 -28.15 -6.40 3.53
C GLN C 201 -27.29 -7.45 2.85
N GLU C 202 -27.86 -8.64 2.65
CA GLU C 202 -27.20 -9.74 1.97
C GLU C 202 -26.87 -9.39 0.52
N LEU C 203 -27.78 -8.64 -0.10
CA LEU C 203 -27.59 -8.10 -1.44
C LEU C 203 -26.38 -7.15 -1.47
N VAL C 204 -26.38 -6.17 -0.56
CA VAL C 204 -25.30 -5.19 -0.50
C VAL C 204 -23.96 -5.87 -0.19
N ARG C 205 -23.97 -6.90 0.67
CA ARG C 205 -22.75 -7.68 0.95
C ARG C 205 -22.23 -8.30 -0.33
N ARG C 206 -23.11 -9.02 -1.02
CA ARG C 206 -22.73 -9.81 -2.20
C ARG C 206 -22.25 -8.96 -3.39
N ILE C 207 -22.89 -7.82 -3.63
CA ILE C 207 -22.40 -6.93 -4.68
C ILE C 207 -21.10 -6.24 -4.26
N GLY C 208 -21.00 -5.89 -2.98
CA GLY C 208 -19.80 -5.30 -2.41
C GLY C 208 -18.61 -6.18 -2.72
N ASP C 209 -18.80 -7.49 -2.56
CA ASP C 209 -17.79 -8.48 -2.90
C ASP C 209 -17.32 -8.45 -4.36
N ASP C 210 -18.28 -8.44 -5.29
CA ASP C 210 -17.97 -8.38 -6.71
C ASP C 210 -17.24 -7.08 -7.04
N GLU C 211 -17.72 -5.98 -6.45
CA GLU C 211 -17.25 -4.63 -6.70
C GLU C 211 -15.78 -4.39 -6.36
N ARG C 212 -15.21 -5.35 -5.64
CA ARG C 212 -13.86 -5.24 -5.11
C ARG C 212 -12.86 -5.71 -6.16
N ARG C 213 -13.22 -6.75 -6.90
CA ARG C 213 -12.46 -7.14 -8.07
C ARG C 213 -12.52 -6.08 -9.17
N HIS C 214 -13.64 -5.35 -9.27
CA HIS C 214 -13.81 -4.27 -10.25
C HIS C 214 -12.88 -3.14 -9.98
N MET C 215 -12.83 -2.74 -8.70
CA MET C 215 -11.94 -1.70 -8.23
C MET C 215 -10.48 -2.11 -8.41
N ALA C 216 -10.17 -3.35 -8.03
CA ALA C 216 -8.87 -3.93 -8.34
C ALA C 216 -8.49 -3.76 -9.83
N TRP C 217 -9.44 -4.00 -10.73
CA TRP C 217 -9.16 -3.94 -12.17
C TRP C 217 -8.88 -2.56 -12.67
N GLY C 218 -9.64 -1.60 -12.14
CA GLY C 218 -9.42 -0.18 -12.43
C GLY C 218 -8.05 0.27 -11.97
N THR C 219 -7.68 -0.18 -10.76
CA THR C 219 -6.35 0.05 -10.24
C THR C 219 -5.27 -0.53 -11.15
N PHE C 220 -5.45 -1.78 -11.58
CA PHE C 220 -4.51 -2.43 -12.50
C PHE C 220 -4.33 -1.62 -13.78
N THR C 221 -5.44 -1.29 -14.44
CA THR C 221 -5.44 -0.58 -15.72
C THR C 221 -4.69 0.76 -15.68
N CYS C 222 -5.03 1.59 -14.71
CA CYS C 222 -4.37 2.88 -14.53
C CYS C 222 -2.90 2.70 -14.21
N ARG C 223 -2.59 1.72 -13.35
CA ARG C 223 -1.21 1.44 -13.01
C ARG C 223 -0.33 1.10 -14.22
N ARG C 224 -0.70 0.07 -14.98
CA ARG C 224 0.09 -0.34 -16.13
C ARG C 224 0.35 0.81 -17.12
N HIS C 225 -0.63 1.70 -17.27
CA HIS C 225 -0.48 2.89 -18.13
C HIS C 225 0.49 3.91 -17.57
N VAL C 226 0.30 4.27 -16.31
CA VAL C 226 1.23 5.16 -15.58
C VAL C 226 2.66 4.61 -15.63
N ALA C 227 2.82 3.31 -15.39
CA ALA C 227 4.12 2.65 -15.37
C ALA C 227 4.87 2.74 -16.71
N ALA C 228 4.13 2.80 -17.80
CA ALA C 228 4.69 2.69 -19.15
C ALA C 228 4.99 4.07 -19.71
N ASP C 229 4.20 5.04 -19.27
CA ASP C 229 4.35 6.42 -19.71
C ASP C 229 3.85 7.31 -18.58
N ASP C 230 4.78 7.99 -17.93
CA ASP C 230 4.49 8.76 -16.73
C ASP C 230 3.67 10.05 -16.99
N ALA C 231 3.47 10.36 -18.27
CA ALA C 231 2.59 11.46 -18.65
C ALA C 231 1.13 11.18 -18.22
N ASN C 232 0.78 9.90 -18.17
CA ASN C 232 -0.58 9.45 -17.81
C ASN C 232 -0.97 9.70 -16.34
N TRP C 233 0.01 9.86 -15.46
CA TRP C 233 -0.26 10.27 -14.08
C TRP C 233 -1.09 11.52 -14.06
N THR C 234 -0.67 12.52 -14.84
CA THR C 234 -1.35 13.81 -14.93
C THR C 234 -2.76 13.66 -15.52
N VAL C 235 -2.89 12.74 -16.49
CA VAL C 235 -4.18 12.37 -17.06
C VAL C 235 -5.13 11.84 -15.98
N PHE C 236 -4.58 10.96 -15.13
CA PHE C 236 -5.27 10.39 -13.97
C PHE C 236 -5.71 11.46 -12.97
N GLU C 237 -4.72 12.24 -12.53
CA GLU C 237 -4.93 13.39 -11.63
C GLU C 237 -6.08 14.30 -12.05
N THR C 238 -6.07 14.69 -13.32
CA THR C 238 -6.98 15.72 -13.84
C THR C 238 -8.41 15.23 -13.87
N ARG C 239 -8.62 14.00 -14.32
CA ARG C 239 -9.95 13.42 -14.35
C ARG C 239 -10.51 13.25 -12.93
N MET C 240 -9.68 12.73 -12.03
CA MET C 240 -10.03 12.65 -10.61
C MET C 240 -10.47 14.02 -10.07
N ASN C 241 -9.74 15.06 -10.45
CA ASN C 241 -10.04 16.42 -10.00
C ASN C 241 -11.34 17.01 -10.60
N GLU C 242 -11.68 16.61 -11.82
CA GLU C 242 -12.95 16.99 -12.44
C GLU C 242 -14.10 16.30 -11.75
N LEU C 243 -13.88 15.03 -11.38
CA LEU C 243 -14.98 14.16 -10.95
C LEU C 243 -15.34 14.25 -9.48
N ILE C 244 -14.35 14.41 -8.61
CA ILE C 244 -14.59 14.48 -7.16
C ILE C 244 -15.63 15.55 -6.79
N PRO C 245 -15.46 16.80 -7.28
CA PRO C 245 -16.46 17.83 -6.95
C PRO C 245 -17.87 17.47 -7.42
N LEU C 246 -17.95 16.81 -8.57
CA LEU C 246 -19.24 16.43 -9.14
C LEU C 246 -19.90 15.34 -8.28
N ALA C 247 -19.08 14.39 -7.81
CA ALA C 247 -19.57 13.32 -6.93
C ALA C 247 -20.05 13.84 -5.57
N LEU C 248 -19.26 14.74 -4.96
CA LEU C 248 -19.66 15.41 -3.71
C LEU C 248 -20.95 16.18 -3.90
N ARG C 249 -21.10 16.82 -5.06
CA ARG C 249 -22.32 17.55 -5.41
C ARG C 249 -23.57 16.64 -5.38
N LEU C 250 -23.42 15.42 -5.89
CA LEU C 250 -24.51 14.43 -5.91
C LEU C 250 -25.04 14.15 -4.51
N ILE C 251 -24.12 13.97 -3.58
CA ILE C 251 -24.40 13.68 -2.17
C ILE C 251 -25.16 14.85 -1.54
N GLU C 252 -24.69 16.07 -1.79
CA GLU C 252 -25.33 17.28 -1.27
C GLU C 252 -26.78 17.40 -1.74
N GLU C 253 -27.01 17.19 -3.03
CA GLU C 253 -28.35 17.29 -3.61
C GLU C 253 -29.32 16.30 -2.99
N GLY C 254 -28.84 15.08 -2.74
CA GLY C 254 -29.62 14.04 -2.07
C GLY C 254 -30.04 14.46 -0.68
N PHE C 255 -29.13 15.12 0.04
CA PHE C 255 -29.36 15.60 1.40
C PHE C 255 -30.22 16.87 1.43
N ALA C 256 -29.97 17.78 0.49
CA ALA C 256 -30.70 19.04 0.39
C ALA C 256 -32.19 18.83 0.10
N LEU C 257 -32.51 17.72 -0.57
CA LEU C 257 -33.89 17.33 -0.82
C LEU C 257 -34.72 17.18 0.44
N TYR C 258 -34.06 16.80 1.52
CA TYR C 258 -34.72 16.59 2.82
C TYR C 258 -34.37 17.72 3.78
N GLY C 259 -33.98 18.87 3.21
CA GLY C 259 -33.62 20.06 3.97
C GLY C 259 -32.44 19.87 4.89
N ASP C 260 -31.43 19.15 4.39
CA ASP C 260 -30.20 18.81 5.12
C ASP C 260 -30.43 17.93 6.36
N GLN C 261 -31.69 17.79 6.78
CA GLN C 261 -32.06 16.99 7.94
C GLN C 261 -32.91 15.80 7.48
N PRO C 262 -32.25 14.70 7.08
CA PRO C 262 -32.94 13.58 6.43
C PRO C 262 -33.37 12.48 7.41
N PRO C 263 -34.16 11.50 6.94
CA PRO C 263 -34.52 10.33 7.75
C PRO C 263 -33.31 9.43 8.05
N PHE C 264 -33.51 8.47 8.94
CA PHE C 264 -32.47 7.52 9.38
C PHE C 264 -31.30 8.19 10.12
N ASP C 265 -31.51 9.43 10.58
CA ASP C 265 -30.50 10.21 11.31
C ASP C 265 -29.19 10.43 10.56
N LEU C 266 -29.26 10.53 9.24
CA LEU C 266 -28.06 10.66 8.41
C LEU C 266 -27.53 12.10 8.41
N SER C 267 -26.22 12.23 8.49
CA SER C 267 -25.57 13.54 8.54
C SER C 267 -24.92 13.87 7.22
N LYS C 268 -25.16 15.07 6.71
CA LYS C 268 -24.58 15.54 5.44
C LYS C 268 -23.06 15.52 5.45
N ASP C 269 -22.48 16.10 6.50
CA ASP C 269 -21.03 16.22 6.65
C ASP C 269 -20.39 14.86 6.89
N ASP C 270 -21.10 13.96 7.54
CA ASP C 270 -20.62 12.60 7.78
C ASP C 270 -20.34 11.88 6.45
N PHE C 271 -21.32 11.97 5.53
CA PHE C 271 -21.19 11.41 4.20
C PHE C 271 -20.11 12.10 3.37
N LEU C 272 -20.12 13.44 3.34
CA LEU C 272 -19.09 14.20 2.64
C LEU C 272 -17.66 13.84 3.08
N GLN C 273 -17.42 13.73 4.39
CA GLN C 273 -16.13 13.22 4.90
C GLN C 273 -15.89 11.77 4.49
N TYR C 274 -16.92 10.93 4.62
CA TYR C 274 -16.80 9.50 4.30
C TYR C 274 -16.53 9.28 2.81
N SER C 275 -17.21 10.05 1.98
CA SER C 275 -17.08 10.00 0.52
C SER C 275 -15.70 10.48 0.03
N THR C 276 -15.28 11.67 0.49
CA THR C 276 -13.97 12.24 0.16
C THR C 276 -12.82 11.24 0.42
N ASP C 277 -12.93 10.53 1.55
CA ASP C 277 -11.94 9.57 1.96
C ASP C 277 -11.79 8.47 0.94
N LYS C 278 -12.94 8.00 0.45
CA LYS C 278 -12.98 6.96 -0.58
C LYS C 278 -12.38 7.47 -1.89
N GLY C 279 -12.65 8.73 -2.22
CA GLY C 279 -12.12 9.38 -3.41
C GLY C 279 -10.62 9.59 -3.39
N MET C 280 -10.11 10.23 -2.34
CA MET C 280 -8.69 10.57 -2.23
C MET C 280 -7.81 9.32 -2.20
N ARG C 281 -8.28 8.32 -1.45
CA ARG C 281 -7.59 7.05 -1.29
C ARG C 281 -7.20 6.39 -2.63
N ARG C 282 -7.80 6.89 -3.71
CA ARG C 282 -7.56 6.36 -5.06
C ARG C 282 -6.21 6.81 -5.62
N PHE C 283 -5.78 8.03 -5.28
CA PHE C 283 -4.46 8.50 -5.72
C PHE C 283 -3.36 7.56 -5.21
N GLY C 284 -3.47 7.20 -3.92
CA GLY C 284 -2.50 6.31 -3.26
C GLY C 284 -2.37 4.94 -3.92
N THR C 285 -3.48 4.47 -4.48
CA THR C 285 -3.53 3.17 -5.14
C THR C 285 -2.68 3.14 -6.41
N ILE C 286 -2.63 4.29 -7.08
CA ILE C 286 -2.08 4.40 -8.41
C ILE C 286 -0.65 4.92 -8.43
N SER C 287 -0.31 5.76 -7.44
CA SER C 287 0.96 6.49 -7.46
C SER C 287 2.20 5.60 -7.36
N ASN C 288 2.11 4.52 -6.57
CA ASN C 288 3.26 3.61 -6.39
C ASN C 288 3.68 2.84 -7.66
N ALA C 289 2.96 3.06 -8.75
CA ALA C 289 3.30 2.48 -10.06
C ALA C 289 4.28 3.37 -10.86
N ARG C 290 4.27 4.67 -10.58
CA ARG C 290 5.22 5.60 -11.18
C ARG C 290 6.63 5.12 -10.96
N GLY C 291 7.36 4.85 -12.03
CA GLY C 291 8.74 4.37 -11.92
C GLY C 291 8.88 2.87 -12.13
N ARG C 292 7.98 2.10 -11.53
CA ARG C 292 7.95 0.63 -11.62
C ARG C 292 7.87 0.15 -13.07
N PRO C 293 8.41 -1.05 -13.34
CA PRO C 293 8.39 -1.53 -14.74
C PRO C 293 7.07 -2.23 -15.04
N VAL C 294 6.61 -2.10 -16.29
CA VAL C 294 5.32 -2.66 -16.70
C VAL C 294 5.24 -4.18 -16.57
N ALA C 295 6.34 -4.86 -16.88
CA ALA C 295 6.44 -6.33 -16.81
C ALA C 295 6.21 -6.89 -15.40
N GLU C 296 6.29 -6.03 -14.39
CA GLU C 296 5.96 -6.40 -13.01
C GLU C 296 4.48 -6.09 -12.66
N ILE C 297 3.95 -5.00 -13.22
CA ILE C 297 2.56 -4.56 -13.00
C ILE C 297 1.56 -5.62 -13.52
N ASP C 298 1.94 -6.26 -14.63
CA ASP C 298 1.17 -7.35 -15.25
C ASP C 298 0.87 -8.49 -14.28
N VAL C 299 1.92 -9.00 -13.65
CA VAL C 299 1.85 -10.21 -12.82
C VAL C 299 1.79 -9.88 -11.32
N ASP C 300 1.45 -8.65 -10.99
CA ASP C 300 1.41 -8.20 -9.59
C ASP C 300 -0.02 -8.20 -9.04
N TYR C 301 -0.23 -9.00 -8.00
CA TYR C 301 -1.57 -9.15 -7.41
C TYR C 301 -2.02 -8.02 -6.48
N SER C 302 -1.08 -7.18 -6.04
CA SER C 302 -1.37 -6.16 -5.02
C SER C 302 -2.64 -5.32 -5.22
N PRO C 303 -2.97 -4.90 -6.46
CA PRO C 303 -4.22 -4.12 -6.56
C PRO C 303 -5.44 -4.85 -5.99
N ALA C 304 -5.43 -6.18 -6.03
CA ALA C 304 -6.52 -6.94 -5.46
C ALA C 304 -6.37 -7.04 -3.96
N GLN C 305 -5.13 -7.08 -3.49
CA GLN C 305 -4.83 -7.11 -2.05
C GLN C 305 -5.24 -5.80 -1.42
N LEU C 306 -4.91 -4.70 -2.11
CA LEU C 306 -5.17 -3.35 -1.60
C LEU C 306 -6.67 -3.21 -1.35
N GLU C 307 -7.44 -3.77 -2.27
CA GLU C 307 -8.87 -3.72 -2.22
C GLU C 307 -9.44 -4.59 -1.09
N ASP C 308 -8.74 -5.66 -0.75
CA ASP C 308 -9.09 -6.49 0.42
C ASP C 308 -8.83 -5.69 1.70
N THR C 309 -7.63 -5.11 1.82
CA THR C 309 -7.29 -4.35 3.03
C THR C 309 -8.11 -3.06 3.13
N PHE C 310 -8.54 -2.51 1.99
CA PHE C 310 -9.49 -1.39 2.00
C PHE C 310 -10.86 -1.80 2.54
N ALA C 311 -11.34 -2.96 2.11
CA ALA C 311 -12.59 -3.50 2.62
C ALA C 311 -12.47 -3.79 4.11
N ASP C 312 -11.31 -4.31 4.50
CA ASP C 312 -10.99 -4.63 5.88
C ASP C 312 -11.02 -3.38 6.75
N GLU C 313 -10.34 -2.35 6.29
CA GLU C 313 -10.27 -1.10 7.02
C GLU C 313 -11.66 -0.47 7.15
N ASP C 314 -12.50 -0.69 6.14
CA ASP C 314 -13.86 -0.16 6.14
C ASP C 314 -14.74 -0.81 7.21
N ARG C 315 -14.67 -2.14 7.29
CA ARG C 315 -15.43 -2.92 8.27
C ARG C 315 -15.02 -2.61 9.70
N ARG C 316 -13.71 -2.41 9.90
CA ARG C 316 -13.16 -2.02 11.20
C ARG C 316 -13.72 -0.67 11.65
N THR C 317 -13.74 0.28 10.72
CA THR C 317 -14.22 1.64 10.98
C THR C 317 -15.67 1.67 11.46
N LEU C 318 -16.51 0.77 10.92
CA LEU C 318 -17.92 0.73 11.31
C LEU C 318 -18.11 0.37 12.78
N ALA C 319 -17.35 -0.63 13.27
CA ALA C 319 -17.28 -0.94 14.70
C ALA C 319 -16.22 -0.10 15.41
N THR D 11 -25.62 10.97 -23.70
CA THR D 11 -26.12 10.04 -24.77
C THR D 11 -27.26 9.15 -24.24
N ARG D 12 -27.33 8.98 -22.92
CA ARG D 12 -28.41 8.23 -22.26
C ARG D 12 -29.51 9.16 -21.76
N THR D 13 -30.76 8.75 -21.97
CA THR D 13 -31.92 9.59 -21.64
C THR D 13 -32.89 8.93 -20.65
N ARG D 14 -32.77 7.62 -20.48
CA ARG D 14 -33.66 6.85 -19.59
C ARG D 14 -33.05 5.51 -19.14
N SER D 15 -33.62 4.94 -18.09
CA SER D 15 -33.16 3.68 -17.53
C SER D 15 -34.25 2.61 -17.58
N GLY D 16 -34.00 1.55 -18.35
CA GLY D 16 -34.96 0.46 -18.54
C GLY D 16 -35.43 -0.22 -17.27
N SER D 17 -34.57 -0.23 -16.25
CA SER D 17 -34.88 -0.91 -14.99
C SER D 17 -35.77 -0.07 -14.07
N LEU D 18 -35.97 1.19 -14.44
CA LEU D 18 -36.84 2.08 -13.67
C LEU D 18 -38.25 2.13 -14.26
N ALA D 19 -38.45 1.41 -15.36
CA ALA D 19 -39.73 1.41 -16.06
C ALA D 19 -40.82 0.79 -15.20
N ALA D 20 -42.07 1.16 -15.48
CA ALA D 20 -43.22 0.61 -14.79
C ALA D 20 -43.26 -0.90 -15.03
N GLY D 21 -43.58 -1.65 -13.97
CA GLY D 21 -43.55 -3.11 -14.02
C GLY D 21 -42.15 -3.68 -13.93
N GLY D 22 -41.15 -2.80 -14.05
CA GLY D 22 -39.75 -3.20 -14.01
C GLY D 22 -39.38 -4.07 -15.19
N LEU D 23 -38.59 -5.10 -14.93
CA LEU D 23 -38.11 -6.02 -15.95
C LEU D 23 -39.10 -7.17 -16.13
N ASN D 24 -39.29 -7.60 -17.38
CA ASN D 24 -40.22 -8.68 -17.69
C ASN D 24 -39.58 -10.07 -17.53
N TRP D 25 -39.70 -10.63 -16.34
CA TRP D 25 -39.12 -11.92 -16.00
C TRP D 25 -39.58 -13.04 -16.90
N ALA D 26 -40.66 -12.77 -17.64
CA ALA D 26 -41.20 -13.74 -18.60
C ALA D 26 -40.46 -13.75 -19.94
N SER D 27 -39.75 -12.66 -20.24
CA SER D 27 -39.05 -12.54 -21.53
C SER D 27 -37.95 -13.58 -21.67
N LEU D 28 -37.84 -14.14 -22.87
CA LEU D 28 -36.88 -15.21 -23.18
C LEU D 28 -35.42 -14.94 -22.75
N PRO D 29 -34.86 -13.76 -23.11
CA PRO D 29 -33.47 -13.51 -22.71
C PRO D 29 -33.21 -13.48 -21.19
N LEU D 30 -34.16 -12.95 -20.41
CA LEU D 30 -34.07 -12.98 -18.94
C LEU D 30 -34.28 -14.38 -18.35
N LYS D 31 -35.06 -15.19 -19.03
CA LYS D 31 -35.29 -16.57 -18.65
C LYS D 31 -34.00 -17.39 -18.75
N LEU D 32 -33.24 -17.17 -19.82
CA LEU D 32 -31.96 -17.85 -20.01
C LEU D 32 -30.88 -17.38 -19.01
N PHE D 33 -30.87 -16.07 -18.75
CA PHE D 33 -30.02 -15.45 -17.71
C PHE D 33 -30.25 -16.12 -16.37
N ALA D 34 -31.51 -16.15 -15.93
CA ALA D 34 -31.89 -16.79 -14.67
C ALA D 34 -31.33 -18.20 -14.56
N GLY D 35 -31.57 -19.01 -15.60
CA GLY D 35 -31.12 -20.40 -15.63
C GLY D 35 -29.63 -20.57 -15.87
N GLY D 36 -29.01 -19.56 -16.48
CA GLY D 36 -27.56 -19.49 -16.58
C GLY D 36 -26.95 -19.40 -15.18
N ASN D 37 -27.55 -18.54 -14.35
CA ASN D 37 -27.15 -18.39 -12.95
C ASN D 37 -27.29 -19.70 -12.17
N ALA D 38 -28.45 -20.37 -12.30
CA ALA D 38 -28.69 -21.64 -11.62
C ALA D 38 -27.76 -22.76 -12.09
N LYS D 39 -27.46 -22.79 -13.39
CA LYS D 39 -26.59 -23.83 -13.97
C LYS D 39 -25.12 -23.42 -14.07
N PHE D 40 -24.72 -22.45 -13.27
CA PHE D 40 -23.32 -22.02 -13.24
C PHE D 40 -22.42 -23.11 -12.69
N TRP D 41 -21.25 -23.28 -13.31
CA TRP D 41 -20.27 -24.27 -12.88
C TRP D 41 -18.87 -23.69 -12.79
N HIS D 42 -18.06 -24.26 -11.90
CA HIS D 42 -16.73 -23.75 -11.58
C HIS D 42 -15.70 -24.60 -12.26
N PRO D 43 -14.77 -23.97 -13.02
CA PRO D 43 -13.72 -24.74 -13.70
C PRO D 43 -12.78 -25.46 -12.73
N ALA D 44 -12.63 -24.91 -11.51
CA ALA D 44 -11.79 -25.50 -10.47
C ALA D 44 -12.42 -26.75 -9.82
N ASP D 45 -13.70 -27.01 -10.10
CA ASP D 45 -14.36 -28.24 -9.64
C ASP D 45 -14.04 -29.44 -10.53
N ILE D 46 -13.59 -29.18 -11.75
CA ILE D 46 -13.29 -30.27 -12.69
C ILE D 46 -11.93 -30.89 -12.40
N ASP D 47 -11.96 -32.16 -12.01
CA ASP D 47 -10.77 -32.96 -11.76
C ASP D 47 -10.05 -33.28 -13.08
N PHE D 48 -8.86 -32.73 -13.26
CA PHE D 48 -8.05 -33.00 -14.46
C PHE D 48 -6.91 -34.00 -14.20
N THR D 49 -6.80 -34.47 -12.96
CA THR D 49 -5.66 -35.29 -12.52
C THR D 49 -5.46 -36.58 -13.31
N ARG D 50 -6.55 -37.33 -13.51
CA ARG D 50 -6.54 -38.61 -14.24
C ARG D 50 -6.17 -38.51 -15.73
N ASP D 51 -6.26 -37.31 -16.30
CA ASP D 51 -6.19 -37.12 -17.75
C ASP D 51 -4.82 -37.32 -18.40
N ARG D 52 -3.74 -37.00 -17.70
CA ARG D 52 -2.40 -37.10 -18.29
C ARG D 52 -1.90 -38.54 -18.33
N ALA D 53 -2.43 -39.36 -17.41
CA ALA D 53 -2.20 -40.81 -17.41
C ALA D 53 -2.73 -41.46 -18.69
N ASP D 54 -4.00 -41.22 -19.01
CA ASP D 54 -4.61 -41.69 -20.25
C ASP D 54 -3.91 -41.09 -21.47
N TRP D 55 -3.65 -39.79 -21.43
CA TRP D 55 -3.08 -39.04 -22.54
C TRP D 55 -1.77 -39.61 -23.04
N GLU D 56 -0.95 -40.13 -22.13
CA GLU D 56 0.37 -40.67 -22.49
C GLU D 56 0.35 -42.12 -22.98
N LYS D 57 -0.75 -42.83 -22.68
CA LYS D 57 -0.96 -44.19 -23.16
C LYS D 57 -1.60 -44.23 -24.57
N LEU D 58 -1.59 -43.11 -25.28
CA LEU D 58 -2.11 -43.03 -26.66
C LEU D 58 -0.95 -43.07 -27.65
N SER D 59 -1.25 -43.41 -28.90
CA SER D 59 -0.25 -43.33 -29.97
C SER D 59 0.11 -41.88 -30.29
N ASP D 60 1.06 -41.68 -31.20
CA ASP D 60 1.42 -40.34 -31.66
C ASP D 60 0.34 -39.83 -32.60
N ASP D 61 -0.21 -40.76 -33.37
CA ASP D 61 -1.23 -40.45 -34.37
C ASP D 61 -2.54 -40.05 -33.68
N GLU D 62 -2.83 -40.67 -32.55
CA GLU D 62 -4.01 -40.36 -31.74
C GLU D 62 -3.91 -38.98 -31.10
N ARG D 63 -2.80 -38.72 -30.41
CA ARG D 63 -2.57 -37.43 -29.77
C ARG D 63 -2.59 -36.25 -30.74
N ASP D 64 -2.17 -36.49 -31.97
CA ASP D 64 -2.22 -35.46 -33.01
C ASP D 64 -3.66 -35.01 -33.30
N TYR D 65 -4.55 -35.96 -33.59
CA TYR D 65 -5.93 -35.62 -33.90
C TYR D 65 -6.58 -34.90 -32.75
N ALA D 66 -6.30 -35.36 -31.53
CA ALA D 66 -6.92 -34.83 -30.32
C ALA D 66 -6.45 -33.41 -30.02
N THR D 67 -5.16 -33.16 -30.26
CA THR D 67 -4.60 -31.83 -30.10
C THR D 67 -5.15 -30.88 -31.18
N ARG D 68 -5.36 -31.41 -32.39
CA ARG D 68 -5.91 -30.62 -33.51
C ARG D 68 -7.38 -30.23 -33.29
N LEU D 69 -8.12 -31.10 -32.60
CA LEU D 69 -9.52 -30.85 -32.28
C LEU D 69 -9.64 -29.82 -31.16
N CYS D 70 -8.75 -29.93 -30.18
CA CYS D 70 -8.71 -29.02 -29.03
C CYS D 70 -8.23 -27.63 -29.43
N THR D 71 -7.29 -27.59 -30.37
CA THR D 71 -6.78 -26.33 -30.92
C THR D 71 -7.89 -25.59 -31.66
N GLN D 72 -8.63 -26.34 -32.47
CA GLN D 72 -9.79 -25.78 -33.17
C GLN D 72 -10.85 -25.31 -32.17
N PHE D 73 -11.08 -26.08 -31.12
CA PHE D 73 -12.07 -25.72 -30.12
C PHE D 73 -11.69 -24.47 -29.35
N ILE D 74 -10.52 -24.49 -28.73
CA ILE D 74 -10.04 -23.34 -27.94
C ILE D 74 -9.86 -22.04 -28.74
N ALA D 75 -9.57 -22.17 -30.04
CA ALA D 75 -9.51 -21.01 -30.92
C ALA D 75 -10.92 -20.53 -31.28
N GLY D 76 -11.84 -21.48 -31.39
CA GLY D 76 -13.24 -21.20 -31.69
C GLY D 76 -13.91 -20.52 -30.53
N GLU D 77 -13.58 -20.95 -29.32
CA GLU D 77 -14.16 -20.39 -28.12
C GLU D 77 -13.68 -18.95 -27.96
N GLU D 78 -12.41 -18.72 -28.24
CA GLU D 78 -11.83 -17.39 -28.08
C GLU D 78 -12.45 -16.44 -29.10
N ALA D 79 -12.56 -16.91 -30.33
CA ALA D 79 -13.24 -16.21 -31.41
C ALA D 79 -14.63 -15.70 -31.01
N VAL D 80 -15.43 -16.57 -30.41
CA VAL D 80 -16.79 -16.17 -30.04
C VAL D 80 -16.77 -15.18 -28.87
N THR D 81 -15.81 -15.31 -27.96
CA THR D 81 -15.67 -14.35 -26.86
C THR D 81 -15.41 -12.94 -27.38
N GLU D 82 -14.61 -12.86 -28.45
CA GLU D 82 -14.31 -11.59 -29.08
C GLU D 82 -15.50 -11.12 -29.94
N ASP D 83 -15.98 -11.99 -30.80
CA ASP D 83 -16.93 -11.58 -31.84
C ASP D 83 -18.36 -11.32 -31.37
N ILE D 84 -18.67 -11.59 -30.12
CA ILE D 84 -20.02 -11.29 -29.62
C ILE D 84 -20.18 -9.85 -29.11
N GLN D 85 -19.07 -9.15 -28.82
CA GLN D 85 -19.17 -7.76 -28.31
C GLN D 85 -20.00 -6.84 -29.22
N PRO D 86 -19.84 -6.97 -30.56
CA PRO D 86 -20.73 -6.17 -31.41
C PRO D 86 -22.21 -6.45 -31.18
N PHE D 87 -22.59 -7.71 -30.98
CA PHE D 87 -24.00 -8.01 -30.78
C PHE D 87 -24.53 -7.30 -29.54
N MET D 88 -23.74 -7.28 -28.48
CA MET D 88 -24.03 -6.49 -27.28
C MET D 88 -24.27 -5.04 -27.61
N SER D 89 -23.34 -4.45 -28.36
CA SER D 89 -23.48 -3.07 -28.84
C SER D 89 -24.77 -2.86 -29.65
N ALA D 90 -25.13 -3.84 -30.47
CA ALA D 90 -26.37 -3.75 -31.25
C ALA D 90 -27.60 -3.65 -30.36
N MET D 91 -27.65 -4.48 -29.33
CA MET D 91 -28.75 -4.47 -28.35
C MET D 91 -28.75 -3.19 -27.53
N ARG D 92 -27.57 -2.65 -27.25
CA ARG D 92 -27.44 -1.40 -26.55
C ARG D 92 -28.03 -0.29 -27.41
N ALA D 93 -27.79 -0.36 -28.72
CA ALA D 93 -28.33 0.60 -29.68
C ALA D 93 -29.84 0.45 -29.90
N GLU D 94 -30.31 -0.79 -30.03
CA GLU D 94 -31.73 -1.07 -30.19
C GLU D 94 -32.47 -0.86 -28.86
N GLY D 95 -31.71 -0.62 -27.79
CA GLY D 95 -32.26 -0.38 -26.45
C GLY D 95 -32.90 -1.57 -25.74
N ARG D 96 -32.48 -2.78 -26.10
CA ARG D 96 -33.05 -4.01 -25.52
C ARG D 96 -32.22 -4.53 -24.33
N LEU D 97 -32.65 -4.15 -23.12
CA LEU D 97 -31.89 -4.44 -21.90
C LEU D 97 -31.81 -5.91 -21.56
N ALA D 98 -32.93 -6.62 -21.70
CA ALA D 98 -32.97 -8.06 -21.41
C ALA D 98 -31.98 -8.84 -22.29
N ASP D 99 -31.87 -8.44 -23.56
CA ASP D 99 -30.91 -9.03 -24.48
C ASP D 99 -29.47 -8.68 -24.09
N GLU D 100 -29.25 -7.44 -23.66
CA GLU D 100 -27.92 -7.02 -23.22
C GLU D 100 -27.48 -7.85 -22.06
N MET D 101 -28.29 -7.84 -21.01
CA MET D 101 -28.04 -8.58 -19.78
C MET D 101 -27.69 -10.03 -20.08
N TYR D 102 -28.49 -10.67 -20.92
CA TYR D 102 -28.21 -12.05 -21.26
C TYR D 102 -26.86 -12.19 -21.96
N LEU D 103 -26.57 -11.30 -22.90
CA LEU D 103 -25.35 -11.39 -23.69
C LEU D 103 -24.07 -11.19 -22.87
N THR D 104 -24.15 -10.44 -21.77
CA THR D 104 -23.02 -10.35 -20.84
C THR D 104 -22.69 -11.72 -20.25
N GLN D 105 -23.71 -12.46 -19.81
CA GLN D 105 -23.58 -13.84 -19.36
C GLN D 105 -23.12 -14.79 -20.47
N PHE D 106 -23.69 -14.61 -21.66
CA PHE D 106 -23.26 -15.29 -22.89
C PHE D 106 -21.75 -15.14 -23.07
N ALA D 107 -21.30 -13.88 -23.16
CA ALA D 107 -19.88 -13.56 -23.37
C ALA D 107 -18.98 -14.16 -22.30
N PHE D 108 -19.38 -13.98 -21.03
CA PHE D 108 -18.64 -14.51 -19.90
C PHE D 108 -18.48 -16.02 -20.01
N GLU D 109 -19.57 -16.71 -20.33
CA GLU D 109 -19.52 -18.16 -20.55
C GLU D 109 -18.43 -18.59 -21.54
N GLU D 110 -18.27 -17.85 -22.63
CA GLU D 110 -17.29 -18.18 -23.65
C GLU D 110 -15.88 -18.00 -23.15
N ALA D 111 -15.68 -17.01 -22.30
CA ALA D 111 -14.38 -16.77 -21.66
C ALA D 111 -14.03 -17.92 -20.71
N LYS D 112 -15.04 -18.47 -20.05
CA LYS D 112 -14.87 -19.58 -19.13
C LYS D 112 -14.62 -20.89 -19.87
N HIS D 113 -15.08 -20.98 -21.12
CA HIS D 113 -14.82 -22.17 -21.95
C HIS D 113 -13.43 -22.13 -22.51
N THR D 114 -13.03 -20.94 -22.96
CA THR D 114 -11.66 -20.66 -23.34
C THR D 114 -10.71 -20.99 -22.18
N GLN D 115 -11.05 -20.53 -20.98
CA GLN D 115 -10.27 -20.83 -19.75
C GLN D 115 -10.08 -22.33 -19.57
N VAL D 116 -11.18 -23.07 -19.67
CA VAL D 116 -11.24 -24.46 -19.25
C VAL D 116 -10.59 -25.41 -20.27
N PHE D 117 -10.60 -25.04 -21.55
CA PHE D 117 -9.86 -25.80 -22.57
C PHE D 117 -8.35 -25.64 -22.38
N ARG D 118 -7.95 -24.43 -21.95
CA ARG D 118 -6.56 -24.10 -21.70
C ARG D 118 -6.10 -24.80 -20.45
N MET D 119 -7.00 -24.93 -19.47
CA MET D 119 -6.70 -25.71 -18.28
C MET D 119 -6.41 -27.15 -18.68
N TRP D 120 -7.20 -27.69 -19.60
CA TRP D 120 -7.00 -29.05 -20.10
C TRP D 120 -5.66 -29.22 -20.77
N LEU D 121 -5.31 -28.28 -21.64
CA LEU D 121 -4.05 -28.34 -22.38
C LEU D 121 -2.84 -28.29 -21.45
N ASP D 122 -3.00 -27.56 -20.34
CA ASP D 122 -1.99 -27.50 -19.29
C ASP D 122 -1.91 -28.84 -18.55
N ALA D 123 -3.07 -29.36 -18.17
CA ALA D 123 -3.16 -30.60 -17.41
C ALA D 123 -2.63 -31.84 -18.16
N VAL D 124 -2.45 -31.73 -19.48
CA VAL D 124 -1.91 -32.84 -20.26
C VAL D 124 -0.47 -32.60 -20.74
N GLY D 125 0.00 -31.36 -20.62
CA GLY D 125 1.41 -31.05 -20.83
C GLY D 125 1.77 -30.39 -22.14
N ILE D 126 0.79 -29.71 -22.74
CA ILE D 126 0.98 -29.04 -24.02
C ILE D 126 1.25 -27.55 -23.82
N SER D 127 2.50 -27.15 -24.05
CA SER D 127 2.91 -25.76 -23.91
C SER D 127 3.44 -25.16 -25.20
N GLU D 128 3.45 -25.95 -26.28
CA GLU D 128 3.95 -25.46 -27.57
C GLU D 128 2.95 -24.54 -28.30
N ASP D 129 3.44 -23.74 -29.23
CA ASP D 129 2.57 -22.90 -30.03
C ASP D 129 1.67 -23.78 -30.89
N LEU D 130 0.36 -23.54 -30.80
CA LEU D 130 -0.62 -24.42 -31.44
C LEU D 130 -1.17 -23.90 -32.77
N HIS D 131 -0.68 -22.76 -33.23
CA HIS D 131 -1.10 -22.18 -34.52
C HIS D 131 -0.85 -23.08 -35.70
N ARG D 132 0.23 -23.85 -35.65
CA ARG D 132 0.59 -24.79 -36.73
C ARG D 132 -0.47 -25.89 -36.99
N TYR D 133 -1.44 -26.02 -36.08
CA TYR D 133 -2.53 -26.99 -36.23
C TYR D 133 -3.75 -26.46 -36.99
N LEU D 134 -3.72 -25.17 -37.34
CA LEU D 134 -4.77 -24.55 -38.18
C LEU D 134 -4.22 -24.17 -39.56
N ASP D 135 -2.92 -24.46 -39.76
CA ASP D 135 -2.22 -24.26 -41.04
C ASP D 135 -2.89 -25.02 -42.19
N ASP D 136 -3.09 -26.34 -41.99
CA ASP D 136 -3.69 -27.21 -43.00
C ASP D 136 -5.22 -27.18 -43.03
N LEU D 137 -5.82 -26.23 -42.31
CA LEU D 137 -7.26 -26.09 -42.26
C LEU D 137 -7.67 -24.69 -42.71
N PRO D 138 -7.51 -24.38 -44.01
CA PRO D 138 -7.94 -23.08 -44.56
C PRO D 138 -9.45 -22.79 -44.40
N ALA D 139 -10.26 -23.84 -44.31
CA ALA D 139 -11.70 -23.70 -44.11
C ALA D 139 -12.03 -23.29 -42.68
N TYR D 140 -11.20 -23.72 -41.73
CA TYR D 140 -11.34 -23.32 -40.34
C TYR D 140 -11.06 -21.83 -40.17
N ARG D 141 -10.01 -21.36 -40.85
CA ARG D 141 -9.59 -19.97 -40.72
C ARG D 141 -10.55 -19.04 -41.45
N GLN D 142 -11.31 -19.59 -42.41
CA GLN D 142 -12.32 -18.79 -43.10
C GLN D 142 -13.56 -18.57 -42.25
N ILE D 143 -13.98 -19.59 -41.52
CA ILE D 143 -15.10 -19.47 -40.62
C ILE D 143 -14.71 -18.55 -39.45
N PHE D 144 -13.58 -18.84 -38.83
CA PHE D 144 -13.21 -18.23 -37.53
C PHE D 144 -12.35 -16.96 -37.56
N TYR D 145 -11.72 -16.69 -38.68
CA TYR D 145 -10.89 -15.49 -38.77
C TYR D 145 -11.48 -14.50 -39.76
N ALA D 146 -12.48 -14.92 -40.51
CA ALA D 146 -13.09 -14.05 -41.53
C ALA D 146 -14.61 -13.92 -41.40
N GLU D 147 -15.35 -14.99 -41.68
CA GLU D 147 -16.81 -14.93 -41.69
C GLU D 147 -17.40 -14.46 -40.36
N LEU D 148 -17.00 -15.13 -39.28
CA LEU D 148 -17.50 -14.82 -37.92
C LEU D 148 -17.24 -13.37 -37.50
N PRO D 149 -15.95 -12.94 -37.46
CA PRO D 149 -15.75 -11.54 -37.08
C PRO D 149 -16.32 -10.50 -38.06
N GLU D 150 -16.08 -10.68 -39.36
CA GLU D 150 -16.55 -9.71 -40.36
C GLU D 150 -18.06 -9.56 -40.40
N CYS D 151 -18.78 -10.66 -40.21
CA CYS D 151 -20.23 -10.61 -40.18
C CYS D 151 -20.77 -9.99 -38.89
N LEU D 152 -20.13 -10.32 -37.77
CA LEU D 152 -20.54 -9.79 -36.47
C LEU D 152 -20.16 -8.33 -36.30
N ASN D 153 -18.92 -7.98 -36.66
CA ASN D 153 -18.47 -6.59 -36.62
C ASN D 153 -19.25 -5.65 -37.54
N ALA D 154 -19.94 -6.22 -38.52
CA ALA D 154 -20.87 -5.47 -39.35
C ALA D 154 -21.98 -4.80 -38.52
N LEU D 155 -22.30 -5.39 -37.38
CA LEU D 155 -23.36 -4.88 -36.49
C LEU D 155 -23.05 -3.55 -35.83
N SER D 156 -21.76 -3.20 -35.75
CA SER D 156 -21.32 -1.93 -35.16
C SER D 156 -21.65 -0.77 -36.07
N ALA D 157 -21.61 -1.03 -37.38
CA ALA D 157 -21.95 -0.04 -38.39
C ALA D 157 -23.43 -0.11 -38.79
N ASP D 158 -24.01 -1.31 -38.67
CA ASP D 158 -25.34 -1.61 -39.20
C ASP D 158 -26.14 -2.56 -38.28
N PRO D 159 -26.81 -2.02 -37.24
CA PRO D 159 -27.53 -2.89 -36.32
C PRO D 159 -28.95 -3.25 -36.80
N SER D 160 -29.11 -3.40 -38.12
CA SER D 160 -30.42 -3.61 -38.74
C SER D 160 -30.85 -5.05 -38.55
N PRO D 161 -32.18 -5.31 -38.64
CA PRO D 161 -32.68 -6.68 -38.50
C PRO D 161 -31.98 -7.68 -39.42
N ALA D 162 -31.85 -7.33 -40.70
CA ALA D 162 -31.18 -8.21 -41.66
C ALA D 162 -29.78 -8.64 -41.17
N ALA D 163 -28.97 -7.67 -40.75
CA ALA D 163 -27.61 -7.94 -40.29
C ALA D 163 -27.56 -8.76 -39.00
N GLN D 164 -28.55 -8.56 -38.12
CA GLN D 164 -28.66 -9.32 -36.88
C GLN D 164 -28.96 -10.79 -37.16
N VAL D 165 -29.87 -11.04 -38.10
CA VAL D 165 -30.15 -12.39 -38.57
C VAL D 165 -28.88 -13.03 -39.15
N ARG D 166 -28.14 -12.26 -39.95
CA ARG D 166 -26.92 -12.77 -40.60
C ARG D 166 -25.84 -13.11 -39.59
N ALA D 167 -25.75 -12.31 -38.54
CA ALA D 167 -24.79 -12.53 -37.48
C ALA D 167 -25.19 -13.73 -36.62
N SER D 168 -26.47 -13.84 -36.28
CA SER D 168 -26.95 -14.93 -35.43
C SER D 168 -26.83 -16.27 -36.13
N VAL D 169 -27.07 -16.27 -37.44
CA VAL D 169 -26.90 -17.48 -38.24
C VAL D 169 -25.45 -17.94 -38.15
N THR D 170 -24.51 -17.03 -38.41
CA THR D 170 -23.09 -17.35 -38.33
C THR D 170 -22.68 -17.87 -36.94
N TYR D 171 -22.97 -17.09 -35.92
CA TYR D 171 -22.56 -17.44 -34.57
C TYR D 171 -23.33 -18.61 -33.97
N ASN D 172 -24.64 -18.47 -33.84
CA ASN D 172 -25.42 -19.45 -33.09
C ASN D 172 -25.85 -20.67 -33.90
N HIS D 173 -26.30 -20.45 -35.13
CA HIS D 173 -26.85 -21.54 -35.92
C HIS D 173 -25.82 -22.41 -36.59
N ILE D 174 -24.69 -21.83 -36.98
CA ILE D 174 -23.63 -22.62 -37.61
C ILE D 174 -22.47 -22.94 -36.64
N VAL D 175 -21.83 -21.92 -36.09
CA VAL D 175 -20.71 -22.12 -35.18
C VAL D 175 -21.14 -23.00 -34.00
N GLU D 176 -22.20 -22.59 -33.30
CA GLU D 176 -22.72 -23.36 -32.16
C GLU D 176 -23.64 -24.52 -32.58
N GLY D 177 -24.62 -24.23 -33.43
CA GLY D 177 -25.66 -25.19 -33.80
C GLY D 177 -25.21 -26.40 -34.60
N MET D 178 -24.09 -26.25 -35.31
CA MET D 178 -23.62 -27.25 -36.26
C MET D 178 -22.17 -27.65 -36.03
N LEU D 179 -21.27 -26.69 -35.93
CA LEU D 179 -19.83 -26.99 -35.78
C LEU D 179 -19.42 -27.45 -34.37
N ALA D 180 -19.94 -26.77 -33.34
CA ALA D 180 -19.65 -27.14 -31.94
C ALA D 180 -20.22 -28.51 -31.55
N LEU D 181 -21.45 -28.81 -31.99
CA LEU D 181 -22.08 -30.08 -31.66
C LEU D 181 -21.41 -31.26 -32.34
N THR D 182 -20.86 -31.02 -33.53
CA THR D 182 -20.09 -32.02 -34.26
C THR D 182 -18.79 -32.31 -33.54
N GLY D 183 -18.20 -31.25 -32.96
CA GLY D 183 -16.99 -31.36 -32.17
C GLY D 183 -17.21 -32.13 -30.88
N TYR D 184 -18.30 -31.83 -30.18
CA TYR D 184 -18.69 -32.58 -28.99
C TYR D 184 -18.82 -34.08 -29.29
N TYR D 185 -19.43 -34.38 -30.44
CA TYR D 185 -19.62 -35.75 -30.93
C TYR D 185 -18.26 -36.44 -31.13
N ALA D 186 -17.33 -35.75 -31.78
CA ALA D 186 -15.94 -36.21 -31.86
C ALA D 186 -15.37 -36.55 -30.48
N TRP D 187 -15.50 -35.64 -29.52
CA TRP D 187 -15.04 -35.89 -28.14
C TRP D 187 -15.73 -37.05 -27.50
N HIS D 188 -17.02 -37.25 -27.82
CA HIS D 188 -17.75 -38.43 -27.35
C HIS D 188 -17.16 -39.71 -27.86
N LYS D 189 -16.99 -39.79 -29.18
CA LYS D 189 -16.39 -40.96 -29.83
C LYS D 189 -14.96 -41.22 -29.38
N ILE D 190 -14.27 -40.17 -28.94
CA ILE D 190 -12.88 -40.29 -28.50
C ILE D 190 -12.81 -40.71 -27.02
N CYS D 191 -13.52 -39.99 -26.15
CA CYS D 191 -13.43 -40.20 -24.71
C CYS D 191 -14.34 -41.31 -24.21
N VAL D 192 -15.65 -41.07 -24.27
CA VAL D 192 -16.67 -41.98 -23.71
C VAL D 192 -16.51 -43.42 -24.20
N GLU D 193 -16.39 -43.58 -25.52
CA GLU D 193 -16.22 -44.90 -26.12
C GLU D 193 -14.99 -45.64 -25.58
N ARG D 194 -13.84 -44.95 -25.55
CA ARG D 194 -12.59 -45.55 -25.10
C ARG D 194 -12.33 -45.40 -23.59
N ALA D 195 -13.37 -44.98 -22.86
CA ALA D 195 -13.36 -44.80 -21.39
C ALA D 195 -12.10 -44.09 -20.83
N ILE D 196 -11.65 -43.07 -21.55
CA ILE D 196 -10.50 -42.25 -21.17
C ILE D 196 -10.91 -40.78 -20.95
N LEU D 197 -9.91 -39.96 -20.57
CA LEU D 197 -10.04 -38.50 -20.45
C LEU D 197 -11.29 -38.01 -19.72
N PRO D 198 -11.44 -38.39 -18.44
CA PRO D 198 -12.61 -37.96 -17.65
C PRO D 198 -12.74 -36.45 -17.43
N GLY D 199 -11.63 -35.73 -17.56
CA GLY D 199 -11.61 -34.26 -17.44
C GLY D 199 -12.28 -33.63 -18.65
N MET D 200 -11.70 -33.87 -19.83
CA MET D 200 -12.30 -33.50 -21.10
C MET D 200 -13.80 -33.86 -21.16
N GLN D 201 -14.17 -35.03 -20.62
CA GLN D 201 -15.57 -35.47 -20.58
C GLN D 201 -16.44 -34.53 -19.77
N GLU D 202 -16.03 -34.26 -18.52
CA GLU D 202 -16.77 -33.36 -17.62
C GLU D 202 -16.82 -31.95 -18.25
N LEU D 203 -15.67 -31.51 -18.76
CA LEU D 203 -15.56 -30.27 -19.50
C LEU D 203 -16.58 -30.19 -20.65
N VAL D 204 -16.65 -31.24 -21.47
CA VAL D 204 -17.49 -31.24 -22.67
C VAL D 204 -18.98 -31.19 -22.34
N ARG D 205 -19.42 -31.94 -21.35
CA ARG D 205 -20.85 -31.88 -21.03
C ARG D 205 -21.23 -30.60 -20.27
N ARG D 206 -20.30 -30.07 -19.47
CA ARG D 206 -20.54 -28.80 -18.75
C ARG D 206 -20.65 -27.58 -19.67
N ILE D 207 -19.77 -27.47 -20.66
CA ILE D 207 -19.89 -26.38 -21.65
C ILE D 207 -21.08 -26.61 -22.58
N GLY D 208 -21.40 -27.87 -22.82
CA GLY D 208 -22.57 -28.24 -23.60
C GLY D 208 -23.83 -27.66 -23.00
N ASP D 209 -23.96 -27.78 -21.67
CA ASP D 209 -25.06 -27.20 -20.91
C ASP D 209 -25.23 -25.69 -21.19
N ASP D 210 -24.12 -24.97 -21.26
CA ASP D 210 -24.13 -23.54 -21.53
C ASP D 210 -24.57 -23.30 -22.96
N GLU D 211 -24.04 -24.12 -23.86
CA GLU D 211 -24.19 -23.95 -25.31
C GLU D 211 -25.64 -23.97 -25.74
N ARG D 212 -26.42 -24.76 -25.02
CA ARG D 212 -27.86 -24.93 -25.22
C ARG D 212 -28.60 -23.61 -25.02
N ARG D 213 -28.19 -22.81 -24.04
CA ARG D 213 -28.79 -21.51 -23.82
C ARG D 213 -28.37 -20.52 -24.92
N HIS D 214 -27.14 -20.65 -25.41
CA HIS D 214 -26.62 -19.82 -26.50
C HIS D 214 -27.41 -20.04 -27.76
N MET D 215 -27.67 -21.31 -28.07
CA MET D 215 -28.47 -21.65 -29.24
C MET D 215 -29.94 -21.22 -29.09
N ALA D 216 -30.48 -21.38 -27.88
CA ALA D 216 -31.82 -20.88 -27.54
C ALA D 216 -31.96 -19.39 -27.86
N TRP D 217 -30.96 -18.60 -27.46
CA TRP D 217 -30.92 -17.17 -27.75
C TRP D 217 -30.86 -16.89 -29.23
N GLY D 218 -29.98 -17.64 -29.92
CA GLY D 218 -29.87 -17.55 -31.37
C GLY D 218 -31.20 -17.78 -32.07
N THR D 219 -31.96 -18.74 -31.56
CA THR D 219 -33.30 -19.03 -32.07
C THR D 219 -34.25 -17.88 -31.79
N PHE D 220 -34.20 -17.36 -30.57
CA PHE D 220 -35.06 -16.26 -30.17
C PHE D 220 -34.86 -15.03 -31.04
N THR D 221 -33.59 -14.66 -31.23
CA THR D 221 -33.21 -13.49 -32.03
C THR D 221 -33.70 -13.57 -33.46
N CYS D 222 -33.39 -14.67 -34.15
CA CYS D 222 -33.83 -14.86 -35.52
C CYS D 222 -35.35 -14.89 -35.60
N ARG D 223 -35.98 -15.60 -34.65
CA ARG D 223 -37.43 -15.70 -34.56
C ARG D 223 -38.16 -14.36 -34.44
N ARG D 224 -37.68 -13.48 -33.56
CA ARG D 224 -38.37 -12.19 -33.35
C ARG D 224 -38.22 -11.24 -34.55
N HIS D 225 -37.16 -11.45 -35.34
CA HIS D 225 -36.97 -10.68 -36.57
C HIS D 225 -37.77 -11.20 -37.74
N VAL D 226 -37.91 -12.51 -37.84
CA VAL D 226 -38.74 -13.16 -38.86
C VAL D 226 -40.24 -12.89 -38.62
N ALA D 227 -40.67 -12.98 -37.36
CA ALA D 227 -42.05 -12.67 -36.96
C ALA D 227 -42.46 -11.24 -37.29
N ALA D 228 -41.50 -10.31 -37.19
CA ALA D 228 -41.80 -8.89 -37.35
C ALA D 228 -41.77 -8.49 -38.80
N ASP D 229 -40.91 -9.15 -39.57
CA ASP D 229 -40.78 -8.90 -40.99
C ASP D 229 -40.39 -10.21 -41.69
N ASP D 230 -41.26 -10.68 -42.58
CA ASP D 230 -41.08 -11.98 -43.24
C ASP D 230 -39.98 -11.99 -44.30
N ALA D 231 -39.49 -10.81 -44.68
CA ALA D 231 -38.32 -10.70 -45.55
C ALA D 231 -37.07 -11.31 -44.88
N ASN D 232 -37.03 -11.26 -43.56
CA ASN D 232 -35.91 -11.78 -42.78
C ASN D 232 -35.77 -13.31 -42.84
N TRP D 233 -36.86 -14.00 -43.19
CA TRP D 233 -36.77 -15.43 -43.52
C TRP D 233 -35.78 -15.68 -44.62
N THR D 234 -35.90 -14.93 -45.72
CA THR D 234 -35.00 -15.07 -46.87
C THR D 234 -33.57 -14.75 -46.45
N VAL D 235 -33.40 -13.72 -45.61
CA VAL D 235 -32.10 -13.36 -45.05
C VAL D 235 -31.48 -14.56 -44.33
N PHE D 236 -32.26 -15.16 -43.42
CA PHE D 236 -31.90 -16.37 -42.69
C PHE D 236 -31.53 -17.51 -43.64
N GLU D 237 -32.46 -17.84 -44.52
CA GLU D 237 -32.29 -18.91 -45.51
C GLU D 237 -31.02 -18.73 -46.36
N THR D 238 -30.79 -17.51 -46.85
CA THR D 238 -29.61 -17.19 -47.67
C THR D 238 -28.31 -17.43 -46.91
N ARG D 239 -28.22 -16.93 -45.69
CA ARG D 239 -27.01 -17.06 -44.88
C ARG D 239 -26.70 -18.53 -44.57
N MET D 240 -27.73 -19.27 -44.15
CA MET D 240 -27.59 -20.69 -43.85
C MET D 240 -27.03 -21.45 -45.06
N ASN D 241 -27.58 -21.13 -46.23
CA ASN D 241 -27.14 -21.76 -47.47
C ASN D 241 -25.71 -21.41 -47.86
N GLU D 242 -25.27 -20.20 -47.50
CA GLU D 242 -23.87 -19.80 -47.66
C GLU D 242 -22.94 -20.62 -46.78
N LEU D 243 -23.31 -20.73 -45.50
CA LEU D 243 -22.40 -21.25 -44.48
C LEU D 243 -22.28 -22.77 -44.46
N ILE D 244 -23.41 -23.46 -44.61
CA ILE D 244 -23.42 -24.94 -44.54
C ILE D 244 -22.33 -25.58 -45.39
N PRO D 245 -22.21 -25.22 -46.69
CA PRO D 245 -21.16 -25.82 -47.49
C PRO D 245 -19.79 -25.63 -46.86
N LEU D 246 -19.51 -24.41 -46.41
CA LEU D 246 -18.21 -24.10 -45.81
C LEU D 246 -17.98 -24.92 -44.53
N ALA D 247 -19.05 -25.20 -43.79
CA ALA D 247 -18.95 -25.96 -42.54
C ALA D 247 -18.61 -27.44 -42.78
N LEU D 248 -19.21 -28.01 -43.82
CA LEU D 248 -18.90 -29.38 -44.22
C LEU D 248 -17.48 -29.47 -44.77
N ARG D 249 -17.08 -28.43 -45.51
CA ARG D 249 -15.70 -28.31 -46.01
C ARG D 249 -14.71 -28.47 -44.87
N LEU D 250 -14.98 -27.81 -43.75
CA LEU D 250 -14.12 -27.86 -42.56
C LEU D 250 -13.88 -29.30 -42.08
N ILE D 251 -14.96 -30.06 -41.98
CA ILE D 251 -14.91 -31.46 -41.56
C ILE D 251 -14.15 -32.35 -42.56
N GLU D 252 -14.37 -32.10 -43.85
CA GLU D 252 -13.72 -32.84 -44.93
C GLU D 252 -12.21 -32.59 -44.98
N GLU D 253 -11.79 -31.35 -44.77
CA GLU D 253 -10.36 -31.01 -44.71
C GLU D 253 -9.72 -31.68 -43.51
N GLY D 254 -10.42 -31.64 -42.37
CA GLY D 254 -9.94 -32.25 -41.13
C GLY D 254 -9.71 -33.76 -41.21
N PHE D 255 -10.53 -34.44 -42.00
CA PHE D 255 -10.40 -35.88 -42.20
C PHE D 255 -9.35 -36.24 -43.26
N ALA D 256 -9.23 -35.38 -44.28
CA ALA D 256 -8.32 -35.58 -45.40
C ALA D 256 -6.84 -35.44 -45.02
N LEU D 257 -6.59 -34.92 -43.82
CA LEU D 257 -5.25 -34.82 -43.27
C LEU D 257 -4.73 -36.16 -42.77
N TYR D 258 -5.65 -37.06 -42.43
CA TYR D 258 -5.31 -38.38 -41.93
C TYR D 258 -5.64 -39.45 -42.97
N GLY D 259 -5.71 -39.00 -44.23
CA GLY D 259 -6.02 -39.85 -45.38
C GLY D 259 -7.43 -40.35 -45.47
N ASP D 260 -8.36 -39.57 -44.92
CA ASP D 260 -9.78 -39.96 -44.68
C ASP D 260 -9.95 -41.10 -43.68
N GLN D 261 -8.84 -41.75 -43.32
CA GLN D 261 -8.83 -42.87 -42.38
C GLN D 261 -8.01 -42.45 -41.15
N PRO D 262 -8.65 -41.70 -40.22
CA PRO D 262 -7.99 -41.10 -39.07
C PRO D 262 -7.97 -42.02 -37.83
N PRO D 263 -7.33 -41.58 -36.73
CA PRO D 263 -7.37 -42.40 -35.53
C PRO D 263 -8.73 -42.35 -34.84
N PHE D 264 -8.90 -43.20 -33.84
CA PHE D 264 -10.16 -43.33 -33.07
C PHE D 264 -11.32 -43.95 -33.86
N ASP D 265 -10.99 -44.53 -35.03
CA ASP D 265 -11.96 -45.22 -35.89
C ASP D 265 -13.05 -44.28 -36.44
N LEU D 266 -12.71 -43.01 -36.58
CA LEU D 266 -13.70 -41.99 -36.94
C LEU D 266 -14.03 -42.05 -38.42
N SER D 267 -15.31 -42.11 -38.73
CA SER D 267 -15.77 -42.19 -40.11
C SER D 267 -16.08 -40.79 -40.63
N LYS D 268 -15.51 -40.45 -41.80
CA LYS D 268 -15.79 -39.18 -42.48
C LYS D 268 -17.27 -38.98 -42.83
N ASP D 269 -17.86 -39.98 -43.48
CA ASP D 269 -19.27 -39.92 -43.90
C ASP D 269 -20.20 -39.80 -42.69
N ASP D 270 -19.84 -40.48 -41.61
CA ASP D 270 -20.57 -40.41 -40.35
C ASP D 270 -20.67 -38.95 -39.89
N PHE D 271 -19.53 -38.27 -39.85
CA PHE D 271 -19.47 -36.90 -39.39
C PHE D 271 -20.19 -35.90 -40.31
N LEU D 272 -20.11 -36.13 -41.62
CA LEU D 272 -20.86 -35.30 -42.59
C LEU D 272 -22.38 -35.44 -42.44
N GLN D 273 -22.87 -36.68 -42.33
CA GLN D 273 -24.28 -36.94 -42.04
C GLN D 273 -24.70 -36.40 -40.67
N TYR D 274 -23.82 -36.52 -39.67
CA TYR D 274 -24.09 -36.00 -38.32
C TYR D 274 -24.14 -34.47 -38.28
N SER D 275 -23.15 -33.84 -38.92
CA SER D 275 -23.09 -32.39 -39.02
C SER D 275 -24.32 -31.88 -39.76
N THR D 276 -24.57 -32.43 -40.95
CA THR D 276 -25.72 -32.04 -41.76
C THR D 276 -27.02 -31.98 -40.96
N ASP D 277 -27.24 -32.99 -40.13
CA ASP D 277 -28.44 -33.09 -39.32
C ASP D 277 -28.53 -31.94 -38.34
N LYS D 278 -27.40 -31.60 -37.73
CA LYS D 278 -27.37 -30.49 -36.80
C LYS D 278 -27.66 -29.20 -37.55
N GLY D 279 -27.13 -29.10 -38.77
CA GLY D 279 -27.31 -27.92 -39.62
C GLY D 279 -28.73 -27.70 -40.10
N MET D 280 -29.35 -28.75 -40.64
CA MET D 280 -30.68 -28.63 -41.23
C MET D 280 -31.79 -28.38 -40.19
N ARG D 281 -31.63 -28.93 -38.99
CA ARG D 281 -32.65 -28.80 -37.93
C ARG D 281 -32.87 -27.33 -37.52
N ARG D 282 -31.89 -26.48 -37.84
CA ARG D 282 -31.95 -25.06 -37.56
C ARG D 282 -33.07 -24.37 -38.35
N PHE D 283 -33.25 -24.78 -39.60
CA PHE D 283 -34.30 -24.24 -40.48
C PHE D 283 -35.69 -24.34 -39.83
N GLY D 284 -35.98 -25.51 -39.25
CA GLY D 284 -37.27 -25.75 -38.60
C GLY D 284 -37.47 -25.00 -37.30
N THR D 285 -36.36 -24.59 -36.69
CA THR D 285 -36.38 -23.85 -35.44
C THR D 285 -36.95 -22.44 -35.64
N ILE D 286 -36.71 -21.89 -36.83
CA ILE D 286 -37.01 -20.49 -37.11
C ILE D 286 -38.29 -20.31 -37.92
N SER D 287 -38.59 -21.27 -38.79
CA SER D 287 -39.72 -21.14 -39.71
C SER D 287 -41.10 -21.06 -39.06
N ASN D 288 -41.28 -21.70 -37.90
CA ASN D 288 -42.57 -21.65 -37.19
C ASN D 288 -42.91 -20.27 -36.58
N ALA D 289 -41.96 -19.35 -36.66
CA ALA D 289 -42.19 -17.97 -36.23
C ALA D 289 -42.90 -17.15 -37.31
N ARG D 290 -42.77 -17.58 -38.57
CA ARG D 290 -43.46 -16.92 -39.68
C ARG D 290 -44.97 -16.96 -39.45
N GLY D 291 -45.60 -15.79 -39.55
CA GLY D 291 -47.02 -15.64 -39.28
C GLY D 291 -47.34 -15.26 -37.85
N ARG D 292 -46.50 -15.70 -36.92
CA ARG D 292 -46.70 -15.50 -35.48
C ARG D 292 -46.50 -14.05 -35.03
N PRO D 293 -47.19 -13.64 -33.96
CA PRO D 293 -47.08 -12.27 -33.44
C PRO D 293 -45.80 -12.07 -32.65
N VAL D 294 -45.14 -10.94 -32.90
CA VAL D 294 -43.89 -10.57 -32.22
C VAL D 294 -44.03 -10.51 -30.68
N ALA D 295 -45.18 -10.01 -30.21
CA ALA D 295 -45.45 -9.88 -28.79
C ALA D 295 -45.42 -11.22 -28.07
N GLU D 296 -45.86 -12.27 -28.77
CA GLU D 296 -45.83 -13.63 -28.22
C GLU D 296 -44.41 -14.20 -28.10
N ILE D 297 -43.58 -13.91 -29.11
CA ILE D 297 -42.22 -14.44 -29.18
C ILE D 297 -41.30 -13.90 -28.07
N ASP D 298 -41.55 -12.66 -27.65
CA ASP D 298 -40.78 -12.01 -26.60
C ASP D 298 -40.83 -12.77 -25.28
N VAL D 299 -41.96 -13.43 -25.03
CA VAL D 299 -42.28 -14.01 -23.73
C VAL D 299 -42.43 -15.54 -23.81
N ASP D 300 -42.06 -16.09 -24.96
CA ASP D 300 -42.22 -17.52 -25.24
C ASP D 300 -40.92 -18.27 -24.95
N TYR D 301 -41.01 -19.28 -24.08
CA TYR D 301 -39.84 -20.05 -23.62
C TYR D 301 -39.44 -21.22 -24.53
N SER D 302 -40.25 -21.52 -25.54
CA SER D 302 -40.00 -22.70 -26.39
C SER D 302 -38.66 -22.75 -27.14
N PRO D 303 -38.02 -21.59 -27.43
CA PRO D 303 -36.67 -21.76 -28.01
C PRO D 303 -35.71 -22.50 -27.07
N ALA D 304 -35.93 -22.40 -25.77
CA ALA D 304 -35.11 -23.08 -24.76
C ALA D 304 -35.58 -24.51 -24.53
N GLN D 305 -36.90 -24.72 -24.68
CA GLN D 305 -37.48 -26.08 -24.60
C GLN D 305 -36.99 -26.94 -25.76
N LEU D 306 -37.04 -26.36 -26.96
CA LEU D 306 -36.64 -27.05 -28.18
C LEU D 306 -35.20 -27.51 -28.06
N GLU D 307 -34.36 -26.64 -27.50
CA GLU D 307 -32.95 -26.92 -27.31
C GLU D 307 -32.73 -28.04 -26.29
N ASP D 308 -33.64 -28.13 -25.31
CA ASP D 308 -33.66 -29.28 -24.39
C ASP D 308 -34.08 -30.58 -25.08
N THR D 309 -35.15 -30.52 -25.89
CA THR D 309 -35.62 -31.74 -26.56
C THR D 309 -34.65 -32.19 -27.65
N PHE D 310 -33.95 -31.24 -28.28
CA PHE D 310 -32.87 -31.56 -29.21
C PHE D 310 -31.72 -32.31 -28.53
N ALA D 311 -31.26 -31.78 -27.40
CA ALA D 311 -30.16 -32.37 -26.62
C ALA D 311 -30.51 -33.77 -26.11
N ASP D 312 -31.79 -33.94 -25.78
CA ASP D 312 -32.32 -35.22 -25.33
C ASP D 312 -32.33 -36.24 -26.47
N GLU D 313 -32.76 -35.77 -27.64
CA GLU D 313 -32.78 -36.54 -28.87
C GLU D 313 -31.37 -36.99 -29.28
N ASP D 314 -30.36 -36.17 -28.93
CA ASP D 314 -28.97 -36.48 -29.26
C ASP D 314 -28.39 -37.58 -28.36
N ARG D 315 -28.62 -37.45 -27.05
CA ARG D 315 -28.25 -38.51 -26.10
C ARG D 315 -28.85 -39.83 -26.54
N ARG D 316 -30.15 -39.83 -26.86
CA ARG D 316 -30.85 -41.04 -27.28
C ARG D 316 -30.21 -41.71 -28.49
N THR D 317 -29.81 -40.90 -29.47
CA THR D 317 -29.17 -41.40 -30.68
C THR D 317 -27.90 -42.17 -30.35
N LEU D 318 -27.17 -41.73 -29.33
CA LEU D 318 -25.90 -42.36 -28.99
C LEU D 318 -26.06 -43.83 -28.53
N ALA D 319 -27.06 -44.12 -27.70
CA ALA D 319 -27.45 -45.50 -27.44
C ALA D 319 -27.94 -46.17 -28.75
N ALA D 320 -27.02 -46.87 -29.39
CA ALA D 320 -27.27 -47.55 -30.68
C ALA D 320 -26.34 -48.77 -30.85
FE FE E . 32.27 11.98 21.02
MN MN F . 32.64 10.65 18.19
C1 MYR G . 34.49 9.48 20.61
O1 MYR G . 34.21 9.89 19.48
O2 MYR G . 33.75 9.70 21.59
C2 MYR G . 35.77 8.70 20.84
C3 MYR G . 35.94 7.56 19.84
C4 MYR G . 37.38 7.48 19.34
C5 MYR G . 38.18 6.34 19.99
C6 MYR G . 39.17 5.76 18.98
C7 MYR G . 40.49 5.32 19.61
C8 MYR G . 41.64 6.08 18.98
C9 MYR G . 42.82 5.15 18.74
C10 MYR G . 44.12 5.65 19.37
C11 MYR G . 45.34 5.14 18.60
C12 MYR G . 46.58 5.97 18.93
C13 MYR G . 47.60 5.91 17.80
C14 MYR G . 48.98 5.72 18.38
CA CA H . 49.47 21.56 27.47
C1 GOL I . 37.92 -3.45 36.25
O1 GOL I . 37.57 -4.55 35.41
C2 GOL I . 36.67 -2.62 36.58
O2 GOL I . 36.69 -1.40 35.84
C3 GOL I . 36.58 -2.27 38.07
O3 GOL I . 37.66 -1.41 38.46
FE FE J . 7.77 11.57 16.57
MN MN K . 7.80 14.57 17.50
C1 MYR L . 5.37 12.62 18.42
O1 MYR L . 6.00 11.55 18.43
O2 MYR L . 5.89 13.68 18.02
C2 MYR L . 3.92 12.60 18.88
C3 MYR L . 3.43 13.90 19.53
C4 MYR L . 2.48 13.55 20.68
C5 MYR L . 1.55 14.70 21.07
C6 MYR L . 0.16 14.53 20.44
C7 MYR L . -0.84 15.56 20.95
C8 MYR L . -2.26 15.05 20.79
C9 MYR L . -3.16 16.17 20.29
C10 MYR L . -4.54 16.07 20.94
C11 MYR L . -5.66 15.99 19.91
C12 MYR L . -6.22 17.37 19.55
C13 MYR L . -7.69 17.28 19.15
C14 MYR L . -8.61 17.66 20.31
CA CA M . -8.14 7.05 4.35
FE FE N . -19.01 -2.39 -10.47
MN MN O . -22.06 -3.29 -9.75
C1 MYR P . -21.40 -0.22 -9.79
O1 MYR P . -22.01 -1.26 -9.44
O2 MYR P . -20.16 -0.20 -9.94
C2 MYR P . -22.20 1.05 -10.02
C3 MYR P . -22.77 1.58 -8.71
C4 MYR P . -23.59 2.84 -8.91
C5 MYR P . -23.43 3.81 -7.73
C6 MYR P . -24.73 3.93 -6.95
C7 MYR P . -25.08 5.40 -6.70
C8 MYR P . -25.54 5.63 -5.26
C9 MYR P . -25.79 7.11 -4.99
C10 MYR P . -24.74 7.68 -4.03
C11 MYR P . -25.19 7.56 -2.58
C12 MYR P . -25.22 8.91 -1.89
C13 MYR P . -26.30 8.94 -0.80
C14 MYR P . -26.63 10.36 -0.40
FE FE Q . -21.23 -20.76 -27.15
MN MN R . -18.67 -21.78 -25.80
C1 MYR S . -18.89 -21.91 -28.83
O1 MYR S . -19.99 -21.32 -28.83
O2 MYR S . -18.44 -22.45 -27.80
C2 MYR S . -18.13 -21.95 -30.14
C3 MYR S . -17.16 -23.13 -30.21
C4 MYR S . -16.80 -23.46 -31.65
C5 MYR S . -15.75 -24.57 -31.69
C6 MYR S . -15.29 -24.84 -33.11
C7 MYR S . -15.82 -26.18 -33.64
C8 MYR S . -14.75 -27.26 -33.54
C9 MYR S . -14.36 -27.83 -34.91
C10 MYR S . -15.33 -28.92 -35.36
C11 MYR S . -14.68 -30.29 -35.32
C12 MYR S . -14.39 -30.81 -36.73
C13 MYR S . -14.01 -32.29 -36.72
C14 MYR S . -12.68 -32.54 -37.41
#